data_7VB8
#
_entry.id   7VB8
#
_cell.length_a   96.831
_cell.length_b   96.831
_cell.length_c   168.038
_cell.angle_alpha   90.000
_cell.angle_beta   90.000
_cell.angle_gamma   120.000
#
_symmetry.space_group_name_H-M   'P 31 2 1'
#
loop_
_entity.id
_entity.type
_entity.pdbx_description
1 polymer 'stilbene O-methyltransferase'
2 non-polymer RESVERATROL
3 non-polymer NICOTINAMIDE-ADENINE-DINUCLEOTIDE
4 non-polymer 1,2-ETHANEDIOL
5 non-polymer 'ACETATE ION'
6 non-polymer GLYCEROL
7 non-polymer 'CHLORIDE ION'
8 water water
#
_entity_poly.entity_id   1
_entity_poly.type   'polypeptide(L)'
_entity_poly.pdbx_seq_one_letter_code
;MGSYDSSSSSSNDSSARNEEDESCMFALKLLGGFAVPFTIKAVIELGVMDQLLTAERAMSAEELVAAAVAAQLPRPEVAC
TMVDRLLRFLASHSVVRCTTEVVVGTDDATTTTCCRRSYAASPVCKWFARNGVEDSVLPLGMMILNKTFLDSWQNITDAV
LEGAAPFEKTYGMPMFEYLSTNGPLNTVFHEAMANHSMIITKKLLKFFRGFEGLDVLVDVGGGNGTTLQMIRGQYKNMRG
INYDLPHVIAQAAPVEGVEHVGGSMFDNIPRGNAVLLKWILHDWDDKACIKILKNCYTALHVRGKVIVLEYVVPDEPEPT
LAAQGAFELDLTMLVTFGSGKERTQREFSELAMEAGFSREFKATYIFANVWALEFTK
;
_entity_poly.pdbx_strand_id   B,A
#
loop_
_chem_comp.id
_chem_comp.type
_chem_comp.name
_chem_comp.formula
ACT non-polymer 'ACETATE ION' 'C2 H3 O2 -1'
CL non-polymer 'CHLORIDE ION' 'Cl -1'
EDO non-polymer 1,2-ETHANEDIOL 'C2 H6 O2'
GOL non-polymer GLYCEROL 'C3 H8 O3'
NAD non-polymer NICOTINAMIDE-ADENINE-DINUCLEOTIDE 'C21 H27 N7 O14 P2'
STL non-polymer RESVERATROL 'C14 H12 O3'
#
# COMPACT_ATOMS: atom_id res chain seq x y z
N SER A 15 -16.33 25.46 -0.10
CA SER A 15 -16.56 24.75 1.19
C SER A 15 -17.20 23.38 0.93
N ALA A 16 -18.40 23.38 0.32
CA ALA A 16 -18.99 22.17 -0.24
C ALA A 16 -18.16 21.65 -1.42
N ARG A 17 -17.76 22.55 -2.33
CA ARG A 17 -16.83 22.19 -3.41
C ARG A 17 -15.61 21.51 -2.80
N ASN A 18 -15.03 22.15 -1.78
CA ASN A 18 -13.77 21.71 -1.21
C ASN A 18 -13.97 20.38 -0.47
N GLU A 19 -15.15 20.12 0.11
CA GLU A 19 -15.39 18.85 0.80
C GLU A 19 -15.45 17.70 -0.20
N GLU A 20 -16.08 17.94 -1.35
CA GLU A 20 -16.19 16.95 -2.41
C GLU A 20 -14.79 16.58 -2.93
N ASP A 21 -13.97 17.62 -3.14
CA ASP A 21 -12.62 17.51 -3.67
C ASP A 21 -11.79 16.71 -2.68
N GLU A 22 -11.81 17.11 -1.38
CA GLU A 22 -11.05 16.40 -0.35
C GLU A 22 -11.48 14.94 -0.22
N SER A 23 -12.76 14.64 -0.34
CA SER A 23 -13.29 13.30 -0.26
C SER A 23 -12.70 12.41 -1.37
N CYS A 24 -12.73 12.96 -2.60
CA CYS A 24 -12.25 12.21 -3.76
C CYS A 24 -10.75 11.95 -3.63
N MET A 25 -10.00 12.97 -3.19
CA MET A 25 -8.57 12.81 -3.01
C MET A 25 -8.28 11.78 -1.92
N PHE A 26 -9.07 11.75 -0.84
CA PHE A 26 -8.89 10.73 0.19
C PHE A 26 -9.15 9.32 -0.35
N ALA A 27 -10.18 9.18 -1.19
CA ALA A 27 -10.45 7.90 -1.82
C ALA A 27 -9.24 7.41 -2.65
N LEU A 28 -8.66 8.31 -3.46
CA LEU A 28 -7.49 7.94 -4.26
C LEU A 28 -6.31 7.63 -3.35
N LYS A 29 -6.16 8.39 -2.25
CA LYS A 29 -5.06 8.11 -1.34
C LYS A 29 -5.20 6.71 -0.76
N LEU A 30 -6.42 6.34 -0.37
CA LEU A 30 -6.67 5.02 0.21
C LEU A 30 -6.32 3.88 -0.76
N LEU A 31 -6.60 4.07 -2.05
CA LEU A 31 -6.34 3.07 -3.07
C LEU A 31 -4.86 3.00 -3.43
N GLY A 32 -4.08 4.04 -3.15
CA GLY A 32 -2.69 4.11 -3.59
C GLY A 32 -1.65 3.85 -2.52
N GLY A 33 -2.06 3.38 -1.31
CA GLY A 33 -1.16 3.23 -0.18
C GLY A 33 0.03 2.29 -0.36
N PHE A 34 0.01 1.43 -1.40
CA PHE A 34 1.12 0.54 -1.70
C PHE A 34 2.36 1.27 -2.22
N ALA A 35 2.19 2.54 -2.68
CA ALA A 35 3.31 3.23 -3.33
C ALA A 35 4.48 3.50 -2.40
N VAL A 36 4.19 3.92 -1.17
CA VAL A 36 5.28 4.18 -0.21
C VAL A 36 6.09 2.91 0.06
N PRO A 37 5.49 1.77 0.44
CA PRO A 37 6.28 0.59 0.76
C PRO A 37 7.13 0.15 -0.43
N PHE A 38 6.54 0.18 -1.60
CA PHE A 38 7.24 -0.32 -2.77
C PHE A 38 8.41 0.61 -3.13
N THR A 39 8.26 1.91 -2.91
CA THR A 39 9.31 2.89 -3.16
C THR A 39 10.45 2.70 -2.15
N ILE A 40 10.09 2.54 -0.88
CA ILE A 40 11.09 2.26 0.14
C ILE A 40 11.89 0.99 -0.20
N LYS A 41 11.19 -0.06 -0.62
CA LYS A 41 11.85 -1.29 -1.01
C LYS A 41 12.91 -1.06 -2.09
N ALA A 42 12.59 -0.28 -3.12
CA ALA A 42 13.54 0.02 -4.19
C ALA A 42 14.73 0.83 -3.69
N VAL A 43 14.47 1.84 -2.86
CA VAL A 43 15.54 2.67 -2.34
C VAL A 43 16.50 1.84 -1.47
N ILE A 44 15.96 0.88 -0.72
CA ILE A 44 16.78 -0.06 0.02
C ILE A 44 17.57 -0.97 -0.91
N GLU A 45 16.90 -1.62 -1.86
N GLU A 45 16.89 -1.60 -1.88
CA GLU A 45 17.55 -2.62 -2.69
CA GLU A 45 17.50 -2.64 -2.71
C GLU A 45 18.64 -2.01 -3.56
C GLU A 45 18.49 -2.08 -3.74
N LEU A 46 18.45 -0.76 -3.99
CA LEU A 46 19.45 -0.07 -4.80
C LEU A 46 20.71 0.27 -4.00
N GLY A 47 20.67 0.14 -2.66
CA GLY A 47 21.75 0.52 -1.76
C GLY A 47 21.73 2.00 -1.35
N VAL A 48 20.72 2.75 -1.83
CA VAL A 48 20.60 4.16 -1.57
C VAL A 48 20.25 4.43 -0.11
N MET A 49 19.37 3.64 0.49
CA MET A 49 19.04 3.82 1.90
C MET A 49 20.30 3.68 2.78
N ASP A 50 21.15 2.71 2.49
CA ASP A 50 22.35 2.49 3.31
C ASP A 50 23.29 3.69 3.14
N GLN A 51 23.38 4.25 1.93
CA GLN A 51 24.21 5.46 1.74
C GLN A 51 23.64 6.64 2.50
N LEU A 52 22.30 6.80 2.57
CA LEU A 52 21.71 7.82 3.41
C LEU A 52 22.11 7.61 4.86
N LEU A 53 22.15 6.35 5.30
CA LEU A 53 22.36 6.05 6.71
C LEU A 53 23.80 6.31 7.14
N THR A 54 24.75 6.26 6.22
CA THR A 54 26.15 6.49 6.57
C THR A 54 26.64 7.86 6.11
N ALA A 55 25.76 8.67 5.51
CA ALA A 55 26.16 9.98 5.02
C ALA A 55 26.43 10.98 6.15
N GLU A 56 27.41 11.86 5.88
CA GLU A 56 27.77 12.99 6.74
C GLU A 56 26.94 14.24 6.45
N ARG A 57 26.38 14.32 5.25
CA ARG A 57 25.61 15.48 4.85
C ARG A 57 24.52 15.02 3.87
N ALA A 58 23.59 15.92 3.56
CA ALA A 58 22.63 15.72 2.48
C ALA A 58 23.36 15.42 1.18
N MET A 59 22.82 14.47 0.41
CA MET A 59 23.41 14.06 -0.85
C MET A 59 22.37 14.09 -1.98
N SER A 60 22.81 14.55 -3.16
CA SER A 60 21.96 14.46 -4.34
C SER A 60 21.73 13.01 -4.76
N ALA A 61 20.75 12.81 -5.62
CA ALA A 61 20.50 11.50 -6.23
C ALA A 61 21.72 11.02 -7.00
N GLU A 62 22.39 11.94 -7.71
CA GLU A 62 23.59 11.57 -8.45
C GLU A 62 24.66 11.08 -7.49
N GLU A 63 24.85 11.81 -6.40
CA GLU A 63 25.84 11.42 -5.40
C GLU A 63 25.50 10.08 -4.75
N LEU A 64 24.21 9.86 -4.47
CA LEU A 64 23.78 8.62 -3.84
C LEU A 64 23.93 7.42 -4.77
N VAL A 65 23.64 7.58 -6.06
CA VAL A 65 23.79 6.50 -7.01
C VAL A 65 25.27 6.18 -7.16
N ALA A 66 26.12 7.21 -7.19
CA ALA A 66 27.55 6.97 -7.40
C ALA A 66 28.10 6.17 -6.22
N ALA A 67 27.63 6.48 -5.02
CA ALA A 67 28.09 5.84 -3.80
C ALA A 67 27.53 4.43 -3.64
N ALA A 68 26.27 4.19 -4.06
CA ALA A 68 25.58 2.91 -3.84
C ALA A 68 25.93 1.84 -4.89
N VAL A 69 26.17 2.28 -6.11
CA VAL A 69 26.20 1.36 -7.24
C VAL A 69 27.62 1.35 -7.80
N ALA A 70 28.28 0.18 -7.71
CA ALA A 70 29.65 -0.05 -8.15
C ALA A 70 29.74 -0.17 -9.66
N ALA A 71 28.83 -0.95 -10.26
CA ALA A 71 28.81 -1.19 -11.69
C ALA A 71 28.68 0.10 -12.49
N GLN A 72 29.30 0.09 -13.67
CA GLN A 72 29.01 1.02 -14.76
C GLN A 72 27.55 0.83 -15.20
N LEU A 73 26.76 1.92 -15.25
CA LEU A 73 25.37 1.81 -15.68
C LEU A 73 25.23 2.18 -17.17
N PRO A 74 24.33 1.53 -17.94
CA PRO A 74 24.12 1.90 -19.34
C PRO A 74 23.52 3.29 -19.59
N ARG A 75 22.69 3.76 -18.64
CA ARG A 75 21.97 5.01 -18.78
C ARG A 75 22.06 5.71 -17.41
N PRO A 76 23.25 6.23 -17.05
CA PRO A 76 23.47 6.70 -15.69
C PRO A 76 22.62 7.92 -15.33
N GLU A 77 22.39 8.83 -16.28
CA GLU A 77 21.62 10.04 -15.98
C GLU A 77 20.15 9.67 -15.75
N VAL A 78 19.61 8.73 -16.53
CA VAL A 78 18.25 8.26 -16.34
C VAL A 78 18.09 7.54 -14.99
N ALA A 79 19.08 6.71 -14.62
CA ALA A 79 19.04 6.10 -13.29
C ALA A 79 18.98 7.19 -12.20
N CYS A 80 19.83 8.23 -12.33
CA CYS A 80 19.87 9.31 -11.35
C CYS A 80 18.52 10.04 -11.28
N THR A 81 17.91 10.35 -12.41
CA THR A 81 16.65 11.10 -12.39
C THR A 81 15.52 10.23 -11.81
N MET A 82 15.56 8.91 -12.06
CA MET A 82 14.56 8.01 -11.49
C MET A 82 14.72 7.95 -9.97
N VAL A 83 15.97 7.83 -9.50
CA VAL A 83 16.20 7.85 -8.03
C VAL A 83 15.76 9.19 -7.42
N ASP A 84 16.02 10.31 -8.08
CA ASP A 84 15.58 11.61 -7.61
C ASP A 84 14.05 11.60 -7.38
N ARG A 85 13.31 11.02 -8.34
CA ARG A 85 11.86 11.01 -8.26
C ARG A 85 11.42 10.10 -7.10
N LEU A 86 12.10 8.94 -6.92
CA LEU A 86 11.76 8.08 -5.81
C LEU A 86 11.94 8.81 -4.48
N LEU A 87 13.07 9.50 -4.36
CA LEU A 87 13.36 10.22 -3.12
C LEU A 87 12.49 11.44 -2.89
N ARG A 88 12.11 12.17 -3.95
CA ARG A 88 11.18 13.28 -3.83
C ARG A 88 9.85 12.80 -3.22
N PHE A 89 9.35 11.68 -3.74
CA PHE A 89 8.13 11.10 -3.21
C PHE A 89 8.27 10.75 -1.74
N LEU A 90 9.40 10.11 -1.37
CA LEU A 90 9.59 9.78 0.04
C LEU A 90 9.68 11.06 0.88
N ALA A 91 10.30 12.12 0.34
CA ALA A 91 10.38 13.39 1.06
C ALA A 91 9.00 13.96 1.37
N SER A 92 8.06 13.82 0.43
CA SER A 92 6.72 14.33 0.61
C SER A 92 5.99 13.55 1.69
N HIS A 93 6.47 12.33 2.04
CA HIS A 93 5.95 11.53 3.14
C HIS A 93 6.82 11.62 4.40
N SER A 94 7.77 12.58 4.40
CA SER A 94 8.65 12.79 5.54
C SER A 94 9.54 11.60 5.87
N VAL A 95 9.78 10.67 4.92
CA VAL A 95 10.65 9.53 5.19
C VAL A 95 12.10 9.96 5.07
N VAL A 96 12.36 10.92 4.16
CA VAL A 96 13.67 11.55 4.06
C VAL A 96 13.45 13.05 4.09
N ARG A 97 14.55 13.76 4.39
CA ARG A 97 14.58 15.20 4.42
C ARG A 97 15.13 15.66 3.08
N CYS A 98 14.62 16.76 2.54
CA CYS A 98 15.05 17.25 1.25
C CYS A 98 15.40 18.75 1.36
N THR A 99 16.46 19.16 0.68
CA THR A 99 16.77 20.58 0.52
C THR A 99 17.03 20.81 -0.98
N THR A 100 16.74 22.02 -1.45
CA THR A 100 16.75 22.35 -2.85
C THR A 100 17.70 23.54 -3.05
N GLU A 101 18.56 23.41 -4.07
CA GLU A 101 19.53 24.47 -4.40
C GLU A 101 19.40 24.76 -5.89
N VAL A 102 19.73 26.00 -6.27
CA VAL A 102 19.71 26.38 -7.68
C VAL A 102 20.85 25.69 -8.44
N VAL A 103 20.53 25.11 -9.61
CA VAL A 103 21.54 24.49 -10.47
C VAL A 103 22.25 25.63 -11.23
N VAL A 104 23.58 25.71 -11.06
CA VAL A 104 24.46 26.52 -11.90
C VAL A 104 25.00 25.62 -13.01
N GLY A 105 24.64 25.93 -14.27
CA GLY A 105 25.01 25.13 -15.43
C GLY A 105 23.93 24.11 -15.80
N THR A 106 24.35 23.03 -16.47
CA THR A 106 23.50 21.90 -16.84
C THR A 106 23.70 20.75 -15.86
N ASP A 107 22.60 20.27 -15.26
CA ASP A 107 22.61 19.04 -14.49
C ASP A 107 21.52 18.09 -15.02
N ASP A 108 21.94 17.02 -15.71
CA ASP A 108 21.00 16.07 -16.31
C ASP A 108 20.59 14.97 -15.33
N ALA A 109 21.05 15.06 -14.06
CA ALA A 109 20.88 13.99 -13.06
C ALA A 109 19.81 14.36 -12.02
N THR A 110 19.10 15.48 -12.30
CA THR A 110 17.91 15.93 -11.57
C THR A 110 16.71 15.96 -12.54
N THR A 111 15.53 15.50 -12.09
CA THR A 111 14.34 15.51 -12.98
C THR A 111 13.89 16.94 -13.27
N THR A 112 14.22 17.89 -12.38
CA THR A 112 13.90 19.30 -12.59
C THR A 112 15.19 20.05 -12.94
N THR A 113 15.23 20.57 -14.19
CA THR A 113 16.42 21.20 -14.77
C THR A 113 16.91 22.35 -13.88
N CYS A 114 15.96 23.13 -13.30
CA CYS A 114 16.27 24.38 -12.56
C CYS A 114 16.98 24.15 -11.21
N CYS A 115 16.65 23.01 -10.57
CA CYS A 115 16.65 22.89 -9.11
C CYS A 115 17.21 21.51 -8.77
N ARG A 116 18.27 21.47 -7.92
CA ARG A 116 18.84 20.19 -7.51
C ARG A 116 18.46 19.90 -6.07
N ARG A 117 17.86 18.72 -5.84
CA ARG A 117 17.52 18.29 -4.51
C ARG A 117 18.67 17.45 -3.89
N SER A 118 18.88 17.63 -2.59
CA SER A 118 19.72 16.76 -1.80
C SER A 118 18.90 16.20 -0.65
N TYR A 119 19.20 14.96 -0.29
CA TYR A 119 18.40 14.20 0.64
C TYR A 119 19.24 13.72 1.83
N ALA A 120 18.56 13.61 2.96
CA ALA A 120 19.14 13.05 4.17
C ALA A 120 18.13 12.09 4.82
N ALA A 121 18.64 11.09 5.53
CA ALA A 121 17.76 10.19 6.26
C ALA A 121 16.98 10.89 7.38
N SER A 122 15.69 10.58 7.51
CA SER A 122 14.92 10.84 8.72
C SER A 122 15.26 9.78 9.79
N PRO A 123 14.95 10.06 11.08
CA PRO A 123 15.28 9.07 12.11
C PRO A 123 14.68 7.68 11.92
N VAL A 124 13.53 7.60 11.26
CA VAL A 124 12.86 6.33 11.05
C VAL A 124 13.72 5.39 10.19
N CYS A 125 14.60 5.97 9.33
CA CYS A 125 15.34 5.20 8.34
C CYS A 125 16.34 4.24 8.96
N LYS A 126 16.70 4.46 10.24
CA LYS A 126 17.64 3.54 10.87
C LYS A 126 17.08 2.13 10.93
N TRP A 127 15.75 2.01 11.00
CA TRP A 127 15.08 0.70 11.04
C TRP A 127 15.19 -0.07 9.73
N PHE A 128 15.68 0.58 8.66
CA PHE A 128 15.84 -0.07 7.36
C PHE A 128 17.29 -0.47 7.05
N ALA A 129 18.17 -0.31 8.05
CA ALA A 129 19.60 -0.61 7.91
C ALA A 129 19.89 -2.06 7.50
N ARG A 130 20.74 -2.25 6.49
CA ARG A 130 21.18 -3.58 6.07
C ARG A 130 22.35 -4.06 6.91
N ASN A 131 22.96 -3.12 7.63
CA ASN A 131 24.19 -3.34 8.38
C ASN A 131 23.93 -4.42 9.44
N GLY A 132 22.77 -4.31 10.12
CA GLY A 132 22.33 -5.27 11.12
C GLY A 132 22.85 -4.95 12.52
N VAL A 133 23.82 -4.02 12.61
CA VAL A 133 24.70 -3.82 13.76
C VAL A 133 23.94 -3.26 14.98
N GLU A 134 23.23 -2.12 14.82
CA GLU A 134 22.14 -1.73 15.71
C GLU A 134 20.86 -2.42 15.21
N ASP A 135 19.77 -2.25 15.98
CA ASP A 135 18.50 -2.87 15.66
C ASP A 135 17.96 -2.29 14.33
N SER A 136 17.65 -3.22 13.45
CA SER A 136 16.93 -2.95 12.22
C SER A 136 15.78 -3.96 12.09
N VAL A 137 14.71 -3.57 11.37
CA VAL A 137 13.64 -4.52 11.05
C VAL A 137 13.69 -4.87 9.56
N LEU A 138 14.86 -4.65 8.95
CA LEU A 138 14.96 -4.94 7.52
C LEU A 138 14.67 -6.42 7.23
N PRO A 139 15.19 -7.43 7.96
CA PRO A 139 14.81 -8.82 7.65
C PRO A 139 13.32 -9.09 7.72
N LEU A 140 12.65 -8.53 8.71
CA LEU A 140 11.20 -8.61 8.76
C LEU A 140 10.56 -7.90 7.57
N GLY A 141 11.07 -6.72 7.23
CA GLY A 141 10.56 -6.04 6.05
C GLY A 141 10.74 -6.82 4.74
N MET A 142 11.84 -7.57 4.61
CA MET A 142 12.05 -8.42 3.43
C MET A 142 10.92 -9.44 3.28
N MET A 143 10.36 -9.93 4.41
CA MET A 143 9.24 -10.85 4.39
C MET A 143 7.92 -10.13 4.13
N ILE A 144 7.74 -8.97 4.79
CA ILE A 144 6.51 -8.21 4.62
C ILE A 144 6.24 -7.94 3.12
N LEU A 145 7.26 -7.54 2.38
CA LEU A 145 7.12 -7.13 0.98
C LEU A 145 7.60 -8.18 -0.02
N ASN A 146 7.77 -9.42 0.44
CA ASN A 146 8.12 -10.51 -0.44
C ASN A 146 6.95 -10.74 -1.41
N LYS A 147 7.27 -10.92 -2.71
CA LYS A 147 6.22 -11.11 -3.72
C LYS A 147 5.33 -12.32 -3.47
N THR A 148 5.92 -13.44 -3.03
CA THR A 148 5.15 -14.64 -2.77
C THR A 148 4.01 -14.34 -1.79
N PHE A 149 4.37 -13.68 -0.69
CA PHE A 149 3.43 -13.33 0.35
C PHE A 149 2.46 -12.25 -0.14
N LEU A 150 2.96 -11.21 -0.86
CA LEU A 150 2.10 -10.13 -1.33
C LEU A 150 1.04 -10.60 -2.33
N ASP A 151 1.40 -11.55 -3.20
CA ASP A 151 0.43 -12.08 -4.16
C ASP A 151 -0.84 -12.62 -3.49
N SER A 152 -0.75 -13.18 -2.26
CA SER A 152 -1.91 -13.72 -1.56
C SER A 152 -2.95 -12.61 -1.32
N TRP A 153 -2.52 -11.37 -1.10
CA TRP A 153 -3.42 -10.27 -0.76
C TRP A 153 -4.38 -9.89 -1.89
N GLN A 154 -4.05 -10.28 -3.12
CA GLN A 154 -4.90 -10.05 -4.27
C GLN A 154 -6.01 -11.08 -4.35
N ASN A 155 -5.96 -12.12 -3.50
CA ASN A 155 -6.91 -13.21 -3.59
C ASN A 155 -7.75 -13.31 -2.33
N ILE A 156 -7.95 -12.19 -1.61
CA ILE A 156 -8.77 -12.23 -0.43
C ILE A 156 -10.24 -12.55 -0.75
N THR A 157 -10.79 -11.90 -1.77
CA THR A 157 -12.21 -12.04 -2.09
C THR A 157 -12.62 -13.50 -2.19
N ASP A 158 -11.94 -14.23 -3.07
CA ASP A 158 -12.32 -15.63 -3.33
C ASP A 158 -12.10 -16.51 -2.10
N ALA A 159 -11.07 -16.19 -1.31
CA ALA A 159 -10.76 -16.96 -0.11
C ALA A 159 -11.87 -16.77 0.93
N VAL A 160 -12.35 -15.54 1.10
CA VAL A 160 -13.44 -15.22 2.00
C VAL A 160 -14.72 -15.99 1.62
N LEU A 161 -15.05 -16.01 0.32
CA LEU A 161 -16.25 -16.73 -0.14
C LEU A 161 -16.14 -18.24 0.17
N GLU A 162 -14.91 -18.79 0.22
CA GLU A 162 -14.74 -20.20 0.54
C GLU A 162 -14.44 -20.48 2.02
N GLY A 163 -14.35 -19.46 2.86
CA GLY A 163 -13.86 -19.61 4.21
C GLY A 163 -12.45 -20.20 4.31
N ALA A 164 -11.54 -19.74 3.45
CA ALA A 164 -10.18 -20.26 3.39
C ALA A 164 -9.16 -19.15 3.62
N ALA A 165 -7.92 -19.55 3.96
CA ALA A 165 -6.79 -18.62 3.97
C ALA A 165 -6.50 -18.16 2.55
N PRO A 166 -6.38 -16.82 2.28
CA PRO A 166 -5.87 -16.33 1.01
C PRO A 166 -4.58 -17.00 0.53
N PHE A 167 -3.61 -17.21 1.43
CA PHE A 167 -2.38 -17.92 1.06
C PHE A 167 -2.69 -19.31 0.45
N GLU A 168 -3.56 -20.07 1.12
N GLU A 168 -3.59 -20.04 1.13
CA GLU A 168 -3.83 -21.43 0.68
CA GLU A 168 -3.94 -21.43 0.82
C GLU A 168 -4.62 -21.41 -0.62
C GLU A 168 -4.74 -21.50 -0.48
N LYS A 169 -5.57 -20.47 -0.74
CA LYS A 169 -6.28 -20.33 -2.01
C LYS A 169 -5.28 -20.03 -3.13
N THR A 170 -4.20 -19.30 -2.85
CA THR A 170 -3.23 -18.87 -3.85
C THR A 170 -2.28 -20.00 -4.21
N TYR A 171 -1.84 -20.77 -3.21
CA TYR A 171 -0.72 -21.72 -3.38
C TYR A 171 -1.14 -23.18 -3.22
N GLY A 172 -2.38 -23.40 -2.82
CA GLY A 172 -2.94 -24.74 -2.73
C GLY A 172 -2.54 -25.54 -1.52
N MET A 173 -1.82 -24.93 -0.55
CA MET A 173 -1.45 -25.62 0.68
C MET A 173 -1.24 -24.56 1.77
N PRO A 174 -1.23 -24.95 3.06
CA PRO A 174 -0.92 -23.99 4.13
C PRO A 174 0.48 -23.41 3.97
N MET A 175 0.66 -22.18 4.48
CA MET A 175 1.96 -21.54 4.43
C MET A 175 3.09 -22.41 5.00
N PHE A 176 2.93 -23.02 6.19
CA PHE A 176 4.05 -23.74 6.80
C PHE A 176 4.45 -24.93 5.90
N GLU A 177 3.50 -25.57 5.25
N GLU A 177 3.42 -25.56 5.30
CA GLU A 177 3.87 -26.65 4.33
CA GLU A 177 3.53 -26.65 4.31
C GLU A 177 4.56 -26.06 3.11
C GLU A 177 4.35 -26.15 3.11
N TYR A 178 4.00 -24.97 2.58
CA TYR A 178 4.65 -24.34 1.45
C TYR A 178 6.13 -24.06 1.68
N LEU A 179 6.51 -23.61 2.90
CA LEU A 179 7.91 -23.30 3.15
C LEU A 179 8.80 -24.54 2.95
N SER A 180 8.27 -25.73 3.25
N SER A 180 8.22 -25.72 3.22
CA SER A 180 9.05 -26.96 3.07
CA SER A 180 8.93 -27.00 3.12
C SER A 180 9.42 -27.18 1.60
C SER A 180 9.17 -27.39 1.65
N THR A 181 8.61 -26.59 0.71
CA THR A 181 8.74 -26.78 -0.73
C THR A 181 9.52 -25.65 -1.38
N ASN A 182 9.86 -24.58 -0.62
CA ASN A 182 10.44 -23.41 -1.25
C ASN A 182 11.56 -22.91 -0.33
N GLY A 183 12.78 -23.36 -0.62
CA GLY A 183 13.90 -23.10 0.27
C GLY A 183 14.14 -21.60 0.43
N PRO A 184 14.18 -20.83 -0.67
CA PRO A 184 14.39 -19.37 -0.56
C PRO A 184 13.35 -18.65 0.29
N LEU A 185 12.07 -19.02 0.18
CA LEU A 185 11.07 -18.35 1.02
C LEU A 185 11.21 -18.80 2.48
N ASN A 186 11.53 -20.09 2.67
CA ASN A 186 11.77 -20.63 3.99
C ASN A 186 12.85 -19.79 4.68
N THR A 187 13.88 -19.42 3.93
CA THR A 187 14.98 -18.63 4.50
C THR A 187 14.47 -17.22 4.86
N VAL A 188 13.72 -16.61 3.94
CA VAL A 188 13.15 -15.26 4.19
C VAL A 188 12.32 -15.28 5.48
N PHE A 189 11.48 -16.31 5.64
CA PHE A 189 10.57 -16.39 6.75
C PHE A 189 11.37 -16.57 8.05
N HIS A 190 12.32 -17.51 8.05
CA HIS A 190 13.09 -17.76 9.26
C HIS A 190 13.99 -16.56 9.62
N GLU A 191 14.59 -15.86 8.64
CA GLU A 191 15.36 -14.66 8.93
C GLU A 191 14.50 -13.55 9.54
N ALA A 192 13.29 -13.37 9.01
CA ALA A 192 12.33 -12.42 9.59
C ALA A 192 11.96 -12.74 11.04
N MET A 193 11.59 -13.99 11.31
CA MET A 193 11.24 -14.40 12.65
C MET A 193 12.41 -14.24 13.64
N ALA A 194 13.63 -14.61 13.19
CA ALA A 194 14.81 -14.52 14.04
C ALA A 194 15.10 -13.06 14.38
N ASN A 195 14.90 -12.16 13.41
CA ASN A 195 15.14 -10.73 13.59
C ASN A 195 14.19 -10.19 14.66
N HIS A 196 12.88 -10.46 14.46
CA HIS A 196 11.86 -9.98 15.38
C HIS A 196 12.09 -10.57 16.77
N SER A 197 12.48 -11.85 16.81
CA SER A 197 12.73 -12.51 18.08
C SER A 197 13.92 -11.89 18.84
N MET A 198 15.04 -11.60 18.15
CA MET A 198 16.21 -10.99 18.75
C MET A 198 15.86 -9.64 19.37
N ILE A 199 15.16 -8.77 18.61
CA ILE A 199 14.75 -7.48 19.13
C ILE A 199 13.84 -7.62 20.34
N ILE A 200 12.81 -8.47 20.27
CA ILE A 200 11.85 -8.64 21.36
C ILE A 200 12.53 -9.27 22.59
N THR A 201 13.43 -10.22 22.38
CA THR A 201 14.07 -10.87 23.52
C THR A 201 14.96 -9.87 24.25
N LYS A 202 15.71 -9.04 23.52
CA LYS A 202 16.50 -7.99 24.13
C LYS A 202 15.59 -7.04 24.93
N LYS A 203 14.45 -6.62 24.37
CA LYS A 203 13.59 -5.71 25.10
C LYS A 203 12.95 -6.38 26.32
N LEU A 204 12.56 -7.64 26.21
CA LEU A 204 12.05 -8.45 27.30
C LEU A 204 13.05 -8.44 28.46
N LEU A 205 14.35 -8.60 28.17
CA LEU A 205 15.33 -8.68 29.23
C LEU A 205 15.52 -7.32 29.90
N LYS A 206 15.18 -6.22 29.20
CA LYS A 206 15.30 -4.89 29.72
C LYS A 206 14.07 -4.53 30.54
N PHE A 207 12.86 -4.91 30.12
CA PHE A 207 11.66 -4.32 30.68
C PHE A 207 10.75 -5.29 31.44
N PHE A 208 10.99 -6.61 31.35
CA PHE A 208 10.08 -7.60 31.85
C PHE A 208 10.77 -8.32 33.03
N ARG A 209 10.03 -8.58 34.09
CA ARG A 209 10.67 -9.19 35.27
C ARG A 209 10.16 -10.61 35.54
N GLY A 210 9.34 -11.18 34.64
CA GLY A 210 8.64 -12.41 34.89
C GLY A 210 9.49 -13.69 34.76
N PHE A 211 10.73 -13.57 34.33
CA PHE A 211 11.64 -14.72 34.31
C PHE A 211 12.33 -14.91 35.66
N GLU A 212 12.19 -13.92 36.58
CA GLU A 212 12.79 -14.06 37.89
C GLU A 212 12.19 -15.26 38.60
N GLY A 213 13.07 -15.98 39.28
CA GLY A 213 12.63 -17.08 40.15
C GLY A 213 12.37 -18.39 39.43
N LEU A 214 12.40 -18.40 38.08
CA LEU A 214 12.06 -19.59 37.34
C LEU A 214 13.26 -20.54 37.32
N ASP A 215 12.97 -21.82 37.62
CA ASP A 215 14.01 -22.84 37.58
C ASP A 215 14.16 -23.36 36.13
N VAL A 216 13.03 -23.69 35.54
CA VAL A 216 12.95 -24.23 34.18
C VAL A 216 11.98 -23.39 33.32
N LEU A 217 12.49 -22.86 32.19
CA LEU A 217 11.63 -22.23 31.18
C LEU A 217 11.54 -23.12 29.93
N VAL A 218 10.34 -23.37 29.46
CA VAL A 218 10.06 -24.16 28.26
C VAL A 218 9.78 -23.15 27.16
N ASP A 219 10.63 -23.12 26.12
CA ASP A 219 10.44 -22.22 24.97
C ASP A 219 9.85 -23.03 23.81
N VAL A 220 8.58 -22.81 23.48
CA VAL A 220 7.88 -23.53 22.42
C VAL A 220 8.19 -22.85 21.09
N GLY A 221 8.64 -23.63 20.08
CA GLY A 221 9.13 -22.93 18.90
C GLY A 221 10.46 -22.25 19.13
N GLY A 222 11.32 -22.81 19.98
CA GLY A 222 12.56 -22.17 20.35
C GLY A 222 13.71 -22.29 19.34
N GLY A 223 13.47 -22.94 18.19
CA GLY A 223 14.45 -22.91 17.11
C GLY A 223 15.73 -23.62 17.51
N ASN A 224 16.84 -22.92 17.41
CA ASN A 224 18.10 -23.52 17.83
C ASN A 224 18.44 -23.23 19.29
N GLY A 225 17.51 -22.60 20.07
CA GLY A 225 17.75 -22.33 21.49
C GLY A 225 18.38 -20.97 21.77
N THR A 226 18.51 -20.09 20.75
CA THR A 226 19.12 -18.77 20.89
C THR A 226 18.37 -17.92 21.91
N THR A 227 17.04 -17.91 21.83
CA THR A 227 16.24 -17.15 22.79
C THR A 227 16.56 -17.61 24.22
N LEU A 228 16.53 -18.91 24.46
CA LEU A 228 16.79 -19.44 25.81
C LEU A 228 18.20 -19.09 26.25
N GLN A 229 19.16 -19.16 25.32
CA GLN A 229 20.55 -18.80 25.58
C GLN A 229 20.65 -17.37 26.10
N MET A 230 19.95 -16.44 25.44
CA MET A 230 19.97 -15.03 25.83
C MET A 230 19.32 -14.87 27.21
N ILE A 231 18.19 -15.54 27.48
CA ILE A 231 17.50 -15.44 28.78
C ILE A 231 18.36 -16.05 29.89
N ARG A 232 18.91 -17.25 29.62
CA ARG A 232 19.81 -17.90 30.57
C ARG A 232 21.03 -17.03 30.88
N GLY A 233 21.44 -16.17 29.94
CA GLY A 233 22.54 -15.25 30.14
C GLY A 233 22.27 -14.20 31.23
N GLN A 234 21.00 -13.83 31.43
CA GLN A 234 20.61 -12.89 32.48
C GLN A 234 20.27 -13.64 33.77
N TYR A 235 19.79 -14.89 33.65
CA TYR A 235 19.29 -15.70 34.75
C TYR A 235 20.09 -17.01 34.77
N LYS A 236 21.29 -16.96 35.38
CA LYS A 236 22.26 -18.05 35.31
C LYS A 236 21.77 -19.36 35.91
N ASN A 237 20.87 -19.34 36.93
CA ASN A 237 20.33 -20.55 37.56
C ASN A 237 19.29 -21.27 36.71
N MET A 238 18.65 -20.52 35.77
CA MET A 238 17.53 -21.04 35.02
C MET A 238 18.05 -22.09 34.02
N ARG A 239 17.37 -23.23 33.92
CA ARG A 239 17.61 -24.15 32.83
C ARG A 239 16.44 -24.04 31.83
N GLY A 240 16.67 -24.48 30.61
CA GLY A 240 15.73 -24.32 29.51
C GLY A 240 15.39 -25.64 28.87
N ILE A 241 14.16 -25.75 28.35
CA ILE A 241 13.74 -26.79 27.46
C ILE A 241 13.34 -26.09 26.16
N ASN A 242 14.13 -26.36 25.12
CA ASN A 242 13.90 -25.83 23.77
C ASN A 242 13.03 -26.83 23.09
N TYR A 243 11.74 -26.53 23.01
CA TYR A 243 10.78 -27.48 22.47
C TYR A 243 10.37 -27.07 21.06
N ASP A 244 10.62 -27.90 20.04
CA ASP A 244 10.32 -27.48 18.67
C ASP A 244 10.18 -28.77 17.89
N LEU A 245 9.74 -28.64 16.64
CA LEU A 245 9.53 -29.82 15.79
C LEU A 245 10.83 -30.61 15.66
N PRO A 246 10.72 -31.97 15.54
CA PRO A 246 11.93 -32.81 15.47
C PRO A 246 12.94 -32.38 14.40
N HIS A 247 12.49 -31.95 13.23
CA HIS A 247 13.42 -31.57 12.15
C HIS A 247 14.16 -30.30 12.51
N VAL A 248 13.55 -29.43 13.34
CA VAL A 248 14.26 -28.26 13.84
C VAL A 248 15.31 -28.65 14.87
N ILE A 249 14.87 -29.46 15.86
CA ILE A 249 15.70 -29.89 16.99
C ILE A 249 16.92 -30.69 16.49
N ALA A 250 16.71 -31.47 15.43
CA ALA A 250 17.78 -32.20 14.74
C ALA A 250 18.95 -31.30 14.37
N GLN A 251 18.66 -30.05 13.97
CA GLN A 251 19.68 -29.16 13.47
C GLN A 251 20.30 -28.29 14.57
N ALA A 252 19.82 -28.36 15.82
CA ALA A 252 20.27 -27.44 16.86
C ALA A 252 21.56 -27.95 17.50
N ALA A 253 22.61 -27.12 17.51
CA ALA A 253 23.85 -27.42 18.22
C ALA A 253 23.63 -27.37 19.74
N PRO A 254 24.49 -28.00 20.58
CA PRO A 254 24.34 -27.89 22.03
C PRO A 254 24.39 -26.44 22.56
N VAL A 255 23.49 -26.14 23.52
CA VAL A 255 23.44 -24.85 24.20
C VAL A 255 23.46 -25.14 25.70
N GLU A 256 24.37 -24.48 26.40
CA GLU A 256 24.66 -24.78 27.79
C GLU A 256 23.42 -24.49 28.64
N GLY A 257 22.98 -25.51 29.39
CA GLY A 257 21.82 -25.41 30.29
C GLY A 257 20.46 -25.66 29.63
N VAL A 258 20.43 -26.13 28.37
CA VAL A 258 19.19 -26.30 27.61
C VAL A 258 19.05 -27.73 27.07
N GLU A 259 17.91 -28.37 27.28
CA GLU A 259 17.59 -29.65 26.66
C GLU A 259 16.77 -29.34 25.40
N HIS A 260 17.28 -29.79 24.24
CA HIS A 260 16.50 -29.68 23.02
C HIS A 260 15.57 -30.87 22.98
N VAL A 261 14.28 -30.61 22.91
CA VAL A 261 13.29 -31.64 22.86
C VAL A 261 12.43 -31.46 21.62
N GLY A 262 12.28 -32.56 20.87
CA GLY A 262 11.37 -32.56 19.75
C GLY A 262 9.99 -33.07 20.04
N GLY A 263 9.01 -32.43 19.41
CA GLY A 263 7.66 -32.91 19.42
C GLY A 263 6.69 -31.84 18.91
N SER A 264 5.42 -32.15 18.97
CA SER A 264 4.33 -31.29 18.56
C SER A 264 3.66 -30.72 19.80
N MET A 265 3.44 -29.40 19.79
CA MET A 265 2.73 -28.77 20.90
C MET A 265 1.25 -29.16 21.00
N PHE A 266 0.65 -29.82 19.98
CA PHE A 266 -0.72 -30.27 20.07
C PHE A 266 -0.78 -31.62 20.79
N ASP A 267 0.36 -32.27 20.94
CA ASP A 267 0.41 -33.57 21.60
C ASP A 267 0.70 -33.34 23.07
N ASN A 268 1.70 -32.51 23.32
CA ASN A 268 2.33 -32.49 24.61
C ASN A 268 3.21 -31.25 24.65
N ILE A 269 3.40 -30.68 25.84
CA ILE A 269 4.44 -29.71 26.11
C ILE A 269 5.29 -30.19 27.29
N PRO A 270 6.63 -30.05 27.24
CA PRO A 270 7.48 -30.42 28.38
C PRO A 270 7.13 -29.65 29.64
N ARG A 271 7.39 -30.29 30.79
CA ARG A 271 7.05 -29.73 32.08
C ARG A 271 8.07 -28.69 32.48
N GLY A 272 7.58 -27.58 33.09
CA GLY A 272 8.49 -26.59 33.59
C GLY A 272 7.74 -25.63 34.51
N ASN A 273 8.43 -24.57 34.85
CA ASN A 273 7.88 -23.54 35.73
C ASN A 273 7.23 -22.42 34.92
N ALA A 274 7.63 -22.27 33.64
CA ALA A 274 6.93 -21.34 32.75
C ALA A 274 7.06 -21.87 31.33
N VAL A 275 6.03 -21.61 30.50
CA VAL A 275 6.10 -21.87 29.07
C VAL A 275 6.03 -20.54 28.30
N LEU A 276 7.04 -20.28 27.44
CA LEU A 276 7.00 -19.09 26.57
C LEU A 276 6.34 -19.41 25.22
N LEU A 277 5.33 -18.59 24.85
CA LEU A 277 4.61 -18.71 23.59
C LEU A 277 4.73 -17.34 22.89
N LYS A 278 5.70 -17.21 21.99
CA LYS A 278 6.01 -15.95 21.33
C LYS A 278 5.57 -16.05 19.87
N TRP A 279 4.51 -15.32 19.51
CA TRP A 279 3.98 -15.32 18.16
C TRP A 279 3.58 -16.73 17.71
N ILE A 280 3.05 -17.49 18.68
CA ILE A 280 2.51 -18.80 18.38
C ILE A 280 1.01 -18.73 18.25
N LEU A 281 0.29 -18.31 19.33
CA LEU A 281 -1.17 -18.37 19.39
C LEU A 281 -1.84 -17.60 18.23
N HIS A 282 -1.23 -16.51 17.74
CA HIS A 282 -1.91 -15.73 16.68
C HIS A 282 -1.94 -16.47 15.34
N ASP A 283 -1.21 -17.56 15.21
CA ASP A 283 -1.28 -18.36 13.99
C ASP A 283 -2.50 -19.28 13.93
N TRP A 284 -3.19 -19.44 15.06
CA TRP A 284 -4.18 -20.48 15.31
C TRP A 284 -5.55 -19.95 15.68
N ASP A 285 -6.58 -20.70 15.34
CA ASP A 285 -7.95 -20.43 15.75
C ASP A 285 -8.12 -20.77 17.25
N ASP A 286 -9.29 -20.44 17.78
CA ASP A 286 -9.55 -20.59 19.20
C ASP A 286 -9.43 -22.06 19.61
N LYS A 287 -10.02 -22.97 18.83
CA LYS A 287 -9.99 -24.38 19.21
C LYS A 287 -8.56 -24.86 19.34
N ALA A 288 -7.69 -24.50 18.36
CA ALA A 288 -6.31 -24.88 18.38
C ALA A 288 -5.56 -24.24 19.55
N CYS A 289 -5.83 -22.94 19.83
CA CYS A 289 -5.19 -22.26 20.95
C CYS A 289 -5.55 -22.92 22.30
N ILE A 290 -6.82 -23.32 22.45
CA ILE A 290 -7.23 -24.00 23.68
C ILE A 290 -6.49 -25.35 23.84
N LYS A 291 -6.24 -26.11 22.76
CA LYS A 291 -5.44 -27.33 22.87
C LYS A 291 -4.03 -27.04 23.33
N ILE A 292 -3.40 -26.00 22.75
CA ILE A 292 -2.06 -25.66 23.14
C ILE A 292 -2.08 -25.31 24.65
N LEU A 293 -3.00 -24.45 25.04
CA LEU A 293 -2.99 -23.89 26.39
C LEU A 293 -3.36 -24.97 27.44
N LYS A 294 -4.22 -25.91 27.03
CA LYS A 294 -4.49 -27.06 27.89
C LYS A 294 -3.24 -27.92 28.05
N ASN A 295 -2.44 -28.07 26.98
CA ASN A 295 -1.18 -28.76 27.13
C ASN A 295 -0.20 -27.98 28.01
N CYS A 296 -0.25 -26.63 27.95
CA CYS A 296 0.55 -25.82 28.82
C CYS A 296 0.13 -26.05 30.31
N TYR A 297 -1.17 -26.11 30.51
CA TYR A 297 -1.74 -26.19 31.85
C TYR A 297 -1.33 -27.50 32.54
N THR A 298 -1.52 -28.58 31.78
CA THR A 298 -1.16 -29.91 32.31
C THR A 298 0.34 -29.96 32.55
N ALA A 299 1.19 -29.34 31.69
CA ALA A 299 2.63 -29.36 31.82
C ALA A 299 3.19 -28.56 32.99
N LEU A 300 2.54 -27.43 33.29
CA LEU A 300 3.12 -26.57 34.30
C LEU A 300 2.99 -27.24 35.67
N HIS A 301 3.96 -26.92 36.50
CA HIS A 301 3.84 -27.11 37.94
C HIS A 301 3.00 -25.98 38.56
N VAL A 302 2.56 -26.23 39.78
CA VAL A 302 1.76 -25.26 40.52
C VAL A 302 2.52 -23.94 40.60
N ARG A 303 1.77 -22.81 40.59
CA ARG A 303 2.33 -21.46 40.53
C ARG A 303 3.03 -21.23 39.19
N GLY A 304 2.82 -22.14 38.22
CA GLY A 304 3.52 -21.99 36.96
C GLY A 304 2.72 -21.00 36.09
N LYS A 305 3.42 -20.45 35.08
CA LYS A 305 2.91 -19.38 34.23
C LYS A 305 3.10 -19.72 32.76
N VAL A 306 2.08 -19.44 31.94
CA VAL A 306 2.29 -19.25 30.50
C VAL A 306 2.55 -17.75 30.23
N ILE A 307 3.61 -17.48 29.44
CA ILE A 307 4.03 -16.13 29.10
C ILE A 307 3.77 -16.02 27.61
N VAL A 308 2.80 -15.18 27.25
CA VAL A 308 2.38 -15.07 25.86
C VAL A 308 2.92 -13.74 25.35
N LEU A 309 3.68 -13.75 24.25
CA LEU A 309 4.21 -12.54 23.63
C LEU A 309 3.50 -12.33 22.30
N GLU A 310 2.53 -11.39 22.34
CA GLU A 310 1.64 -11.11 21.22
C GLU A 310 1.28 -9.62 21.26
N TYR A 311 0.83 -9.14 20.10
CA TYR A 311 0.12 -7.85 20.06
C TYR A 311 -1.25 -8.05 20.73
N VAL A 312 -1.87 -6.93 21.15
CA VAL A 312 -3.17 -6.96 21.77
C VAL A 312 -4.06 -5.95 21.07
N VAL A 313 -5.13 -6.41 20.41
CA VAL A 313 -6.03 -5.50 19.71
C VAL A 313 -6.93 -4.83 20.75
N PRO A 314 -7.28 -3.55 20.56
CA PRO A 314 -8.24 -2.91 21.46
C PRO A 314 -9.65 -3.48 21.30
N ASP A 315 -10.48 -3.18 22.30
N ASP A 315 -10.53 -3.20 22.29
CA ASP A 315 -11.86 -3.62 22.34
CA ASP A 315 -11.92 -3.66 22.27
C ASP A 315 -12.69 -3.10 21.17
C ASP A 315 -12.79 -2.97 21.21
N GLU A 316 -12.49 -1.83 20.82
N GLU A 316 -12.34 -1.78 20.79
CA GLU A 316 -13.11 -1.21 19.66
CA GLU A 316 -13.01 -0.97 19.78
C GLU A 316 -12.02 -0.70 18.71
C GLU A 316 -11.99 -0.53 18.74
N PRO A 317 -12.38 -0.41 17.44
CA PRO A 317 -11.40 -0.03 16.40
C PRO A 317 -10.93 1.42 16.48
N GLU A 318 -9.98 1.65 17.38
CA GLU A 318 -9.47 2.99 17.62
C GLU A 318 -8.58 3.41 16.46
N PRO A 319 -8.64 4.68 16.04
CA PRO A 319 -7.76 5.19 14.97
C PRO A 319 -6.41 5.74 15.42
N THR A 320 -5.66 4.95 16.18
CA THR A 320 -4.32 5.27 16.66
C THR A 320 -3.28 4.49 15.85
N LEU A 321 -2.02 4.95 15.90
CA LEU A 321 -0.92 4.24 15.27
C LEU A 321 -0.85 2.80 15.83
N ALA A 322 -0.97 2.66 17.16
CA ALA A 322 -0.81 1.34 17.75
C ALA A 322 -1.96 0.43 17.33
N ALA A 323 -3.19 0.91 17.38
CA ALA A 323 -4.35 0.09 17.06
C ALA A 323 -4.31 -0.32 15.58
N GLN A 324 -4.03 0.62 14.69
CA GLN A 324 -3.96 0.35 13.26
C GLN A 324 -2.91 -0.72 13.01
N GLY A 325 -1.78 -0.65 13.73
CA GLY A 325 -0.74 -1.65 13.63
C GLY A 325 -1.23 -3.05 14.01
N ALA A 326 -2.00 -3.13 15.09
CA ALA A 326 -2.53 -4.41 15.57
C ALA A 326 -3.56 -4.97 14.56
N PHE A 327 -4.44 -4.13 14.02
CA PHE A 327 -5.42 -4.60 13.06
C PHE A 327 -4.75 -4.98 11.74
N GLU A 328 -3.64 -4.31 11.39
N GLU A 328 -3.67 -4.29 11.37
CA GLU A 328 -2.89 -4.66 10.18
CA GLU A 328 -2.94 -4.67 10.18
C GLU A 328 -2.21 -6.03 10.32
C GLU A 328 -2.36 -6.07 10.35
N LEU A 329 -1.73 -6.35 11.53
CA LEU A 329 -1.22 -7.69 11.80
C LEU A 329 -2.37 -8.72 11.78
N ASP A 330 -3.56 -8.36 12.27
CA ASP A 330 -4.72 -9.21 12.17
C ASP A 330 -5.03 -9.56 10.70
N LEU A 331 -4.92 -8.60 9.80
N LEU A 331 -4.95 -8.56 9.81
CA LEU A 331 -5.20 -8.90 8.40
CA LEU A 331 -5.16 -8.75 8.38
C LEU A 331 -4.06 -9.70 7.77
C LEU A 331 -4.09 -9.69 7.82
N THR A 332 -2.83 -9.49 8.24
CA THR A 332 -1.74 -10.38 7.85
C THR A 332 -2.01 -11.82 8.29
N MET A 333 -2.47 -12.03 9.53
CA MET A 333 -2.86 -13.38 9.97
C MET A 333 -4.01 -13.94 9.14
N LEU A 334 -5.01 -13.12 8.82
CA LEU A 334 -6.12 -13.52 7.96
C LEU A 334 -5.58 -13.98 6.59
N VAL A 335 -4.70 -13.19 5.96
CA VAL A 335 -4.13 -13.55 4.66
C VAL A 335 -3.33 -14.86 4.73
N THR A 336 -2.50 -14.98 5.78
CA THR A 336 -1.52 -16.05 5.90
C THR A 336 -2.19 -17.38 6.28
N PHE A 337 -3.08 -17.31 7.29
CA PHE A 337 -3.61 -18.50 7.95
C PHE A 337 -5.13 -18.64 7.85
N GLY A 338 -5.83 -17.57 7.48
CA GLY A 338 -7.29 -17.52 7.47
C GLY A 338 -7.82 -17.27 8.88
N SER A 339 -7.73 -18.32 9.71
CA SER A 339 -8.30 -18.42 11.05
C SER A 339 -7.30 -18.08 12.15
N GLY A 340 -6.01 -17.99 11.87
CA GLY A 340 -5.11 -17.20 12.73
C GLY A 340 -5.60 -15.75 12.81
N LYS A 341 -5.28 -15.06 13.90
CA LYS A 341 -5.93 -13.78 14.20
C LYS A 341 -5.23 -13.15 15.39
N GLU A 342 -5.31 -11.80 15.46
CA GLU A 342 -4.90 -11.08 16.66
C GLU A 342 -6.09 -11.01 17.61
N ARG A 343 -5.79 -10.90 18.91
CA ARG A 343 -6.83 -11.00 19.94
C ARG A 343 -6.79 -9.82 20.89
N THR A 344 -7.95 -9.55 21.49
CA THR A 344 -8.08 -8.62 22.59
C THR A 344 -7.60 -9.26 23.89
N GLN A 345 -7.34 -8.42 24.89
CA GLN A 345 -6.97 -8.93 26.22
C GLN A 345 -8.04 -9.87 26.77
N ARG A 346 -9.30 -9.48 26.58
CA ARG A 346 -10.43 -10.29 27.01
C ARG A 346 -10.43 -11.65 26.31
N GLU A 347 -10.19 -11.67 24.99
CA GLU A 347 -10.08 -12.92 24.25
C GLU A 347 -8.96 -13.81 24.79
N PHE A 348 -7.80 -13.26 25.11
CA PHE A 348 -6.71 -14.07 25.64
C PHE A 348 -7.08 -14.66 27.01
N SER A 349 -7.75 -13.83 27.81
CA SER A 349 -8.15 -14.29 29.15
C SER A 349 -9.16 -15.43 29.02
N GLU A 350 -10.09 -15.31 28.08
CA GLU A 350 -11.12 -16.33 27.89
C GLU A 350 -10.51 -17.65 27.42
N LEU A 351 -9.54 -17.61 26.47
CA LEU A 351 -8.85 -18.85 26.10
C LEU A 351 -8.16 -19.48 27.30
N ALA A 352 -7.52 -18.65 28.14
CA ALA A 352 -6.77 -19.13 29.27
C ALA A 352 -7.74 -19.82 30.24
N MET A 353 -8.86 -19.17 30.51
CA MET A 353 -9.86 -19.76 31.43
C MET A 353 -10.44 -21.05 30.86
N GLU A 354 -10.67 -21.12 29.56
CA GLU A 354 -11.12 -22.35 28.94
C GLU A 354 -10.11 -23.49 29.11
N ALA A 355 -8.82 -23.15 29.17
CA ALA A 355 -7.76 -24.11 29.26
C ALA A 355 -7.50 -24.48 30.73
N GLY A 356 -8.20 -23.85 31.68
CA GLY A 356 -8.15 -24.18 33.10
C GLY A 356 -7.44 -23.18 34.04
N PHE A 357 -6.84 -22.12 33.47
CA PHE A 357 -6.11 -21.16 34.29
C PHE A 357 -7.10 -20.32 35.12
N SER A 358 -6.52 -19.79 36.19
CA SER A 358 -7.20 -18.99 37.18
C SER A 358 -7.48 -17.58 36.63
N ARG A 359 -8.36 -16.83 37.31
CA ARG A 359 -8.66 -15.45 36.95
C ARG A 359 -7.63 -14.54 37.59
N GLU A 360 -6.42 -14.63 37.04
CA GLU A 360 -5.22 -13.93 37.47
C GLU A 360 -4.51 -13.64 36.16
N PHE A 361 -4.34 -12.36 35.80
N PHE A 361 -4.40 -12.38 35.76
CA PHE A 361 -3.87 -11.92 34.48
CA PHE A 361 -3.61 -12.09 34.58
C PHE A 361 -2.83 -10.80 34.68
C PHE A 361 -2.68 -10.92 34.87
N LYS A 362 -1.58 -10.97 34.15
CA LYS A 362 -0.62 -9.88 34.13
C LYS A 362 -0.34 -9.49 32.68
N ALA A 363 -0.21 -8.17 32.42
CA ALA A 363 0.18 -7.64 31.12
C ALA A 363 1.31 -6.63 31.31
N THR A 364 2.44 -6.82 30.60
CA THR A 364 3.54 -5.89 30.61
C THR A 364 3.83 -5.48 29.16
N TYR A 365 3.85 -4.18 28.88
CA TYR A 365 4.16 -3.74 27.54
C TYR A 365 5.65 -3.87 27.31
N ILE A 366 6.01 -4.44 26.14
CA ILE A 366 7.43 -4.67 25.84
C ILE A 366 7.92 -3.64 24.82
N PHE A 367 7.56 -3.83 23.52
CA PHE A 367 8.14 -3.03 22.47
C PHE A 367 7.40 -3.32 21.17
N ALA A 368 7.27 -2.29 20.31
CA ALA A 368 6.77 -2.51 18.96
C ALA A 368 5.46 -3.29 18.98
N ASN A 369 4.50 -2.87 19.83
CA ASN A 369 3.15 -3.38 19.94
C ASN A 369 3.08 -4.76 20.65
N VAL A 370 4.23 -5.34 20.99
CA VAL A 370 4.23 -6.64 21.69
C VAL A 370 4.08 -6.44 23.21
N TRP A 371 3.11 -7.18 23.76
CA TRP A 371 2.89 -7.34 25.18
C TRP A 371 3.36 -8.71 25.64
N ALA A 372 3.79 -8.78 26.93
CA ALA A 372 3.93 -10.06 27.62
C ALA A 372 2.71 -10.24 28.52
N LEU A 373 1.89 -11.24 28.22
CA LEU A 373 0.70 -11.58 28.99
C LEU A 373 0.98 -12.85 29.78
N GLU A 374 0.67 -12.86 31.07
CA GLU A 374 0.96 -14.03 31.91
C GLU A 374 -0.29 -14.58 32.59
N PHE A 375 -0.46 -15.91 32.45
CA PHE A 375 -1.54 -16.68 33.03
C PHE A 375 -0.92 -17.69 33.99
N THR A 376 -1.57 -17.93 35.15
CA THR A 376 -0.95 -18.67 36.23
C THR A 376 -1.85 -19.85 36.63
N LYS A 377 -1.23 -21.02 36.89
CA LYS A 377 -1.97 -22.24 37.28
C LYS A 377 -2.18 -22.28 38.82
N SER B 15 11.07 10.69 26.75
CA SER B 15 11.46 9.27 26.98
C SER B 15 12.16 8.71 25.74
N ALA B 16 13.44 8.34 25.89
CA ALA B 16 14.19 7.61 24.89
C ALA B 16 13.52 6.27 24.55
N ARG B 17 12.98 5.58 25.57
CA ARG B 17 12.25 4.31 25.36
C ARG B 17 11.07 4.53 24.40
N ASN B 18 10.21 5.51 24.70
CA ASN B 18 9.00 5.69 23.91
C ASN B 18 9.34 6.19 22.50
N GLU B 19 10.44 6.95 22.39
CA GLU B 19 10.88 7.50 21.11
C GLU B 19 11.30 6.36 20.18
N GLU B 20 12.09 5.43 20.72
CA GLU B 20 12.54 4.25 20.03
C GLU B 20 11.34 3.36 19.63
N ASP B 21 10.41 3.15 20.55
CA ASP B 21 9.19 2.37 20.31
C ASP B 21 8.34 2.99 19.17
N GLU B 22 8.07 4.28 19.25
CA GLU B 22 7.28 4.95 18.21
C GLU B 22 7.95 4.92 16.83
N SER B 23 9.26 5.12 16.81
N SER B 23 9.29 5.07 16.76
CA SER B 23 10.06 5.08 15.61
CA SER B 23 10.02 5.09 15.50
C SER B 23 9.91 3.74 14.90
C SER B 23 10.01 3.70 14.85
N CYS B 24 10.08 2.65 15.66
CA CYS B 24 9.98 1.28 15.13
C CYS B 24 8.57 1.03 14.58
N MET B 25 7.53 1.39 15.32
CA MET B 25 6.16 1.22 14.87
C MET B 25 5.90 2.00 13.57
N PHE B 26 6.47 3.20 13.49
CA PHE B 26 6.39 4.03 12.29
C PHE B 26 7.08 3.33 11.10
N ALA B 27 8.29 2.75 11.30
CA ALA B 27 8.96 2.02 10.25
C ALA B 27 8.06 0.88 9.71
N LEU B 28 7.44 0.16 10.64
CA LEU B 28 6.58 -0.95 10.25
C LEU B 28 5.34 -0.44 9.52
N LYS B 29 4.77 0.68 9.98
CA LYS B 29 3.63 1.30 9.31
C LYS B 29 3.98 1.61 7.85
N LEU B 30 5.17 2.19 7.64
CA LEU B 30 5.61 2.60 6.28
C LEU B 30 5.73 1.39 5.38
N LEU B 31 6.26 0.25 5.88
CA LEU B 31 6.40 -0.97 5.09
C LEU B 31 5.06 -1.67 4.80
N GLY B 32 4.00 -1.35 5.53
CA GLY B 32 2.77 -2.13 5.47
C GLY B 32 1.60 -1.43 4.80
N GLY B 33 1.88 -0.31 4.13
CA GLY B 33 0.84 0.56 3.63
C GLY B 33 -0.05 -0.05 2.55
N PHE B 34 0.34 -1.20 2.01
CA PHE B 34 -0.44 -1.87 0.97
C PHE B 34 -1.69 -2.55 1.54
N ALA B 35 -1.76 -2.73 2.87
CA ALA B 35 -2.87 -3.51 3.42
C ALA B 35 -4.22 -2.83 3.26
N VAL B 36 -4.28 -1.49 3.40
CA VAL B 36 -5.54 -0.78 3.28
C VAL B 36 -6.09 -0.89 1.87
N PRO B 37 -5.31 -0.57 0.79
CA PRO B 37 -5.83 -0.76 -0.55
C PRO B 37 -6.36 -2.18 -0.81
N PHE B 38 -5.62 -3.22 -0.44
CA PHE B 38 -6.03 -4.59 -0.69
C PHE B 38 -7.28 -4.97 0.08
N THR B 39 -7.45 -4.41 1.28
CA THR B 39 -8.64 -4.64 2.09
C THR B 39 -9.88 -4.00 1.45
N ILE B 40 -9.70 -2.76 0.97
CA ILE B 40 -10.76 -2.02 0.30
C ILE B 40 -11.18 -2.78 -0.96
N LYS B 41 -10.19 -3.24 -1.73
CA LYS B 41 -10.49 -4.06 -2.92
C LYS B 41 -11.38 -5.26 -2.58
N ALA B 42 -11.04 -6.02 -1.53
CA ALA B 42 -11.84 -7.17 -1.15
C ALA B 42 -13.25 -6.81 -0.71
N VAL B 43 -13.40 -5.74 0.09
CA VAL B 43 -14.71 -5.30 0.54
C VAL B 43 -15.57 -4.86 -0.66
N ILE B 44 -14.98 -4.21 -1.64
CA ILE B 44 -15.68 -3.88 -2.87
C ILE B 44 -16.07 -5.15 -3.65
N GLU B 45 -15.10 -6.03 -3.90
N GLU B 45 -15.12 -6.06 -3.88
CA GLU B 45 -15.34 -7.19 -4.76
CA GLU B 45 -15.35 -7.19 -4.79
C GLU B 45 -16.40 -8.12 -4.18
C GLU B 45 -16.26 -8.27 -4.17
N LEU B 46 -16.39 -8.27 -2.83
CA LEU B 46 -17.40 -9.08 -2.16
C LEU B 46 -18.82 -8.55 -2.33
N GLY B 47 -19.00 -7.28 -2.67
CA GLY B 47 -20.29 -6.61 -2.71
C GLY B 47 -20.71 -5.90 -1.42
N VAL B 48 -19.81 -6.00 -0.41
CA VAL B 48 -20.09 -5.42 0.90
C VAL B 48 -20.10 -3.90 0.83
N MET B 49 -19.15 -3.27 0.11
CA MET B 49 -19.13 -1.83 0.03
C MET B 49 -20.43 -1.29 -0.56
N ASP B 50 -20.98 -1.97 -1.57
CA ASP B 50 -22.20 -1.46 -2.18
C ASP B 50 -23.36 -1.64 -1.21
N GLN B 51 -23.31 -2.66 -0.34
CA GLN B 51 -24.36 -2.81 0.68
C GLN B 51 -24.29 -1.70 1.74
N LEU B 52 -23.06 -1.31 2.13
CA LEU B 52 -22.88 -0.16 3.01
C LEU B 52 -23.47 1.08 2.37
N LEU B 53 -23.28 1.25 1.06
CA LEU B 53 -23.70 2.46 0.39
C LEU B 53 -25.23 2.56 0.31
N THR B 54 -25.91 1.43 0.30
CA THR B 54 -27.37 1.51 0.11
C THR B 54 -28.10 1.28 1.44
N ALA B 55 -27.36 1.00 2.51
CA ALA B 55 -27.97 0.68 3.79
C ALA B 55 -28.66 1.90 4.41
N GLU B 56 -29.72 1.61 5.19
CA GLU B 56 -30.49 2.59 5.95
C GLU B 56 -29.94 2.79 7.36
N ARG B 57 -29.13 1.84 7.84
CA ARG B 57 -28.64 1.85 9.21
C ARG B 57 -27.34 1.04 9.24
N ALA B 58 -26.64 1.09 10.37
CA ALA B 58 -25.43 0.29 10.53
C ALA B 58 -25.82 -1.17 10.44
N MET B 59 -24.93 -2.01 9.87
CA MET B 59 -25.16 -3.41 9.60
C MET B 59 -23.96 -4.23 10.08
N SER B 60 -24.24 -5.35 10.71
CA SER B 60 -23.21 -6.32 11.11
C SER B 60 -22.57 -6.97 9.87
N ALA B 61 -21.37 -7.54 10.04
CA ALA B 61 -20.76 -8.33 8.97
C ALA B 61 -21.70 -9.45 8.51
N GLU B 62 -22.41 -10.08 9.45
CA GLU B 62 -23.35 -11.13 9.06
C GLU B 62 -24.46 -10.59 8.15
N GLU B 63 -25.07 -9.45 8.49
CA GLU B 63 -26.11 -8.83 7.70
C GLU B 63 -25.56 -8.38 6.34
N LEU B 64 -24.32 -7.86 6.34
CA LEU B 64 -23.75 -7.37 5.08
C LEU B 64 -23.49 -8.53 4.10
N VAL B 65 -22.95 -9.64 4.60
CA VAL B 65 -22.69 -10.83 3.78
C VAL B 65 -24.01 -11.40 3.29
N ALA B 66 -25.03 -11.42 4.15
CA ALA B 66 -26.34 -11.91 3.70
C ALA B 66 -26.89 -11.03 2.58
N ALA B 67 -26.74 -9.70 2.69
CA ALA B 67 -27.23 -8.76 1.70
C ALA B 67 -26.39 -8.77 0.42
N ALA B 68 -25.09 -9.07 0.50
CA ALA B 68 -24.16 -8.97 -0.64
C ALA B 68 -24.07 -10.26 -1.44
N VAL B 69 -24.20 -11.42 -0.74
CA VAL B 69 -23.91 -12.72 -1.31
C VAL B 69 -25.20 -13.56 -1.32
N ALA B 70 -25.68 -13.89 -2.52
CA ALA B 70 -26.91 -14.66 -2.71
C ALA B 70 -26.66 -16.18 -2.64
N ALA B 71 -25.55 -16.63 -3.26
CA ALA B 71 -25.08 -18.01 -3.23
C ALA B 71 -24.90 -18.54 -1.79
N GLN B 72 -25.27 -19.80 -1.55
CA GLN B 72 -24.94 -20.43 -0.27
C GLN B 72 -23.43 -20.66 -0.18
N LEU B 73 -22.86 -20.37 0.98
CA LEU B 73 -21.42 -20.48 1.17
C LEU B 73 -21.13 -21.77 1.90
N PRO B 74 -19.98 -22.43 1.60
CA PRO B 74 -19.58 -23.66 2.29
C PRO B 74 -19.34 -23.45 3.79
N ARG B 75 -18.81 -22.26 4.16
CA ARG B 75 -18.42 -21.97 5.53
C ARG B 75 -18.88 -20.55 5.86
N PRO B 76 -20.20 -20.37 6.07
CA PRO B 76 -20.77 -19.02 6.06
C PRO B 76 -20.34 -18.20 7.28
N GLU B 77 -20.19 -18.87 8.42
CA GLU B 77 -19.80 -18.25 9.66
C GLU B 77 -18.35 -17.73 9.55
N VAL B 78 -17.47 -18.56 8.96
CA VAL B 78 -16.08 -18.15 8.72
C VAL B 78 -16.05 -16.96 7.75
N ALA B 79 -16.84 -16.99 6.68
CA ALA B 79 -16.93 -15.85 5.78
C ALA B 79 -17.27 -14.57 6.57
N CYS B 80 -18.30 -14.62 7.43
CA CYS B 80 -18.77 -13.46 8.19
C CYS B 80 -17.69 -12.95 9.13
N THR B 81 -16.98 -13.83 9.85
CA THR B 81 -15.93 -13.38 10.77
C THR B 81 -14.76 -12.76 9.99
N MET B 82 -14.42 -13.33 8.82
CA MET B 82 -13.38 -12.71 8.00
C MET B 82 -13.81 -11.29 7.58
N VAL B 83 -15.05 -11.12 7.12
CA VAL B 83 -15.54 -9.81 6.69
C VAL B 83 -15.52 -8.82 7.88
N ASP B 84 -15.93 -9.30 9.06
CA ASP B 84 -15.84 -8.51 10.28
C ASP B 84 -14.43 -7.95 10.50
N ARG B 85 -13.45 -8.80 10.28
CA ARG B 85 -12.05 -8.39 10.47
C ARG B 85 -11.59 -7.39 9.40
N LEU B 86 -12.02 -7.57 8.15
CA LEU B 86 -11.73 -6.59 7.09
C LEU B 86 -12.34 -5.23 7.44
N LEU B 87 -13.59 -5.21 7.90
CA LEU B 87 -14.26 -3.94 8.18
C LEU B 87 -13.73 -3.29 9.46
N ARG B 88 -13.37 -4.10 10.46
CA ARG B 88 -12.77 -3.59 11.70
C ARG B 88 -11.48 -2.86 11.36
N PHE B 89 -10.65 -3.43 10.48
CA PHE B 89 -9.41 -2.77 10.07
C PHE B 89 -9.72 -1.44 9.36
N LEU B 90 -10.70 -1.46 8.43
CA LEU B 90 -11.09 -0.24 7.74
C LEU B 90 -11.62 0.82 8.73
N ALA B 91 -12.34 0.42 9.77
CA ALA B 91 -12.83 1.36 10.79
C ALA B 91 -11.69 2.03 11.53
N SER B 92 -10.62 1.29 11.80
CA SER B 92 -9.45 1.85 12.46
C SER B 92 -8.79 2.91 11.59
N HIS B 93 -9.02 2.86 10.26
CA HIS B 93 -8.54 3.85 9.31
C HIS B 93 -9.61 4.89 8.93
N SER B 94 -10.73 4.95 9.66
CA SER B 94 -11.81 5.90 9.42
C SER B 94 -12.48 5.75 8.07
N VAL B 95 -12.40 4.56 7.44
CA VAL B 95 -12.98 4.40 6.12
C VAL B 95 -14.47 4.05 6.28
N VAL B 96 -14.75 3.28 7.32
CA VAL B 96 -16.13 3.04 7.75
C VAL B 96 -16.28 3.43 9.22
N ARG B 97 -17.53 3.69 9.60
CA ARG B 97 -17.92 3.90 10.98
C ARG B 97 -18.30 2.59 11.67
N CYS B 98 -17.97 2.45 12.94
CA CYS B 98 -18.22 1.21 13.66
C CYS B 98 -18.91 1.52 14.99
N THR B 99 -19.92 0.72 15.34
CA THR B 99 -20.53 0.74 16.67
C THR B 99 -20.56 -0.70 17.19
N THR B 100 -20.48 -0.83 18.53
CA THR B 100 -20.29 -2.11 19.15
C THR B 100 -21.45 -2.30 20.15
N GLU B 101 -22.07 -3.48 20.14
CA GLU B 101 -23.17 -3.73 21.07
C GLU B 101 -22.97 -5.11 21.70
N VAL B 102 -23.44 -5.30 22.94
CA VAL B 102 -23.20 -6.58 23.60
C VAL B 102 -24.09 -7.64 22.95
N VAL B 103 -23.49 -8.82 22.69
CA VAL B 103 -24.15 -9.98 22.08
C VAL B 103 -24.99 -10.69 23.16
N VAL B 104 -26.30 -10.86 22.93
CA VAL B 104 -27.15 -11.68 23.80
C VAL B 104 -27.41 -13.05 23.14
N GLY B 105 -26.97 -14.11 23.83
CA GLY B 105 -26.88 -15.46 23.27
C GLY B 105 -25.43 -15.78 22.90
N THR B 106 -25.24 -16.59 21.85
CA THR B 106 -23.91 -16.81 21.26
C THR B 106 -23.99 -16.50 19.76
N ASP B 107 -23.05 -15.67 19.27
CA ASP B 107 -22.98 -15.29 17.87
C ASP B 107 -21.56 -15.57 17.35
N ASP B 108 -21.48 -16.47 16.37
CA ASP B 108 -20.20 -16.90 15.85
C ASP B 108 -19.98 -16.36 14.44
N ALA B 109 -20.73 -15.30 14.07
CA ALA B 109 -20.46 -14.51 12.86
C ALA B 109 -19.77 -13.17 13.15
N THR B 110 -19.37 -12.93 14.44
CA THR B 110 -18.43 -11.90 14.88
C THR B 110 -17.16 -12.61 15.39
N THR B 111 -15.99 -12.04 15.07
CA THR B 111 -14.71 -12.60 15.48
C THR B 111 -14.54 -12.49 17.00
N THR B 112 -15.25 -11.54 17.65
CA THR B 112 -15.19 -11.36 19.11
C THR B 112 -16.55 -11.82 19.68
N THR B 113 -16.58 -12.94 20.41
CA THR B 113 -17.87 -13.54 20.76
C THR B 113 -18.68 -12.63 21.70
N CYS B 114 -18.01 -11.75 22.47
CA CYS B 114 -18.65 -10.86 23.44
C CYS B 114 -19.50 -9.75 22.76
N CYS B 115 -19.00 -9.27 21.62
CA CYS B 115 -19.31 -7.94 21.11
C CYS B 115 -19.57 -8.02 19.60
N ARG B 116 -20.73 -7.51 19.15
N ARG B 116 -20.72 -7.50 19.17
CA ARG B 116 -21.01 -7.51 17.73
CA ARG B 116 -21.04 -7.47 17.76
C ARG B 116 -20.86 -6.08 17.23
C ARG B 116 -20.81 -6.05 17.27
N ARG B 117 -20.04 -5.92 16.20
CA ARG B 117 -19.85 -4.63 15.56
C ARG B 117 -20.82 -4.51 14.39
N SER B 118 -21.31 -3.29 14.20
CA SER B 118 -22.09 -2.89 13.06
C SER B 118 -21.35 -1.73 12.42
N TYR B 119 -21.45 -1.70 11.09
CA TYR B 119 -20.70 -0.76 10.28
C TYR B 119 -21.57 0.07 9.35
N ALA B 120 -21.08 1.28 9.08
CA ALA B 120 -21.73 2.22 8.20
C ALA B 120 -20.67 2.90 7.34
N ALA B 121 -21.06 3.27 6.11
CA ALA B 121 -20.21 4.01 5.21
C ALA B 121 -19.84 5.38 5.78
N SER B 122 -18.57 5.72 5.65
CA SER B 122 -18.07 7.08 5.77
C SER B 122 -18.26 7.79 4.42
N PRO B 123 -18.26 9.12 4.40
CA PRO B 123 -18.44 9.86 3.14
C PRO B 123 -17.51 9.45 1.99
N VAL B 124 -16.28 9.06 2.32
CA VAL B 124 -15.33 8.65 1.29
C VAL B 124 -15.84 7.45 0.47
N CYS B 125 -16.65 6.56 1.09
CA CYS B 125 -17.03 5.32 0.43
C CYS B 125 -17.84 5.52 -0.85
N LYS B 126 -18.55 6.64 -1.02
CA LYS B 126 -19.31 6.85 -2.23
C LYS B 126 -18.41 6.77 -3.47
N TRP B 127 -17.11 7.10 -3.33
CA TRP B 127 -16.17 7.06 -4.46
C TRP B 127 -15.84 5.64 -4.88
N PHE B 128 -16.25 4.65 -4.09
CA PHE B 128 -16.02 3.24 -4.42
C PHE B 128 -17.26 2.52 -5.00
N ALA B 129 -18.32 3.29 -5.31
CA ALA B 129 -19.59 2.71 -5.73
C ALA B 129 -19.46 2.00 -7.08
N ARG B 130 -20.18 0.87 -7.19
CA ARG B 130 -20.21 0.11 -8.44
C ARG B 130 -21.34 0.62 -9.34
N ASN B 131 -21.51 -0.08 -10.46
CA ASN B 131 -22.71 0.00 -11.30
C ASN B 131 -22.65 1.26 -12.16
N GLY B 132 -21.43 1.84 -12.32
CA GLY B 132 -21.19 3.08 -13.02
C GLY B 132 -21.98 4.26 -12.48
N VAL B 133 -22.03 4.41 -11.14
CA VAL B 133 -22.94 5.34 -10.49
C VAL B 133 -22.30 6.74 -10.49
N GLU B 134 -23.13 7.77 -10.34
CA GLU B 134 -22.70 9.15 -10.18
C GLU B 134 -21.58 9.22 -9.14
N ASP B 135 -20.50 9.97 -9.44
CA ASP B 135 -19.46 10.24 -8.45
C ASP B 135 -18.77 8.95 -8.01
N SER B 136 -18.27 8.12 -8.93
CA SER B 136 -17.43 7.02 -8.48
C SER B 136 -16.12 7.03 -9.27
N VAL B 137 -15.02 6.73 -8.57
CA VAL B 137 -13.75 6.45 -9.22
C VAL B 137 -13.49 4.95 -9.24
N LEU B 138 -14.52 4.09 -9.12
CA LEU B 138 -14.26 2.66 -9.06
C LEU B 138 -13.54 2.18 -10.31
N PRO B 139 -13.93 2.54 -11.55
CA PRO B 139 -13.16 2.02 -12.69
C PRO B 139 -11.69 2.38 -12.68
N LEU B 140 -11.40 3.63 -12.27
CA LEU B 140 -10.01 4.02 -12.11
C LEU B 140 -9.33 3.16 -11.04
N GLY B 141 -10.04 2.91 -9.92
CA GLY B 141 -9.51 2.06 -8.87
C GLY B 141 -9.22 0.64 -9.30
N MET B 142 -10.06 0.09 -10.20
N MET B 142 -10.01 0.08 -10.22
CA MET B 142 -9.84 -1.24 -10.76
CA MET B 142 -9.76 -1.29 -10.65
C MET B 142 -8.47 -1.28 -11.43
C MET B 142 -8.52 -1.33 -11.56
N MET B 143 -8.11 -0.19 -12.12
CA MET B 143 -6.81 -0.12 -12.82
C MET B 143 -5.67 0.04 -11.79
N ILE B 144 -5.85 0.96 -10.85
CA ILE B 144 -4.86 1.21 -9.80
C ILE B 144 -4.38 -0.09 -9.15
N LEU B 145 -5.33 -0.98 -8.82
CA LEU B 145 -5.07 -2.20 -8.08
C LEU B 145 -5.13 -3.47 -8.94
N ASN B 146 -5.00 -3.30 -10.26
CA ASN B 146 -4.91 -4.41 -11.18
C ASN B 146 -3.59 -5.15 -10.97
N LYS B 147 -3.65 -6.48 -10.87
CA LYS B 147 -2.46 -7.27 -10.57
C LYS B 147 -1.37 -7.11 -11.60
N THR B 148 -1.75 -7.05 -12.89
CA THR B 148 -0.77 -6.92 -13.94
C THR B 148 0.01 -5.62 -13.77
N PHE B 149 -0.70 -4.53 -13.51
CA PHE B 149 -0.09 -3.22 -13.34
C PHE B 149 0.67 -3.15 -12.02
N LEU B 150 0.13 -3.70 -10.90
CA LEU B 150 0.84 -3.71 -9.61
C LEU B 150 2.14 -4.50 -9.59
N ASP B 151 2.18 -5.64 -10.29
CA ASP B 151 3.37 -6.45 -10.34
C ASP B 151 4.61 -5.66 -10.81
N SER B 152 4.45 -4.62 -11.66
CA SER B 152 5.58 -3.81 -12.13
C SER B 152 6.32 -3.13 -10.97
N TRP B 153 5.59 -2.82 -9.90
CA TRP B 153 6.15 -2.09 -8.76
C TRP B 153 7.19 -2.90 -7.99
N GLN B 154 7.20 -4.23 -8.18
N GLN B 154 7.21 -4.22 -8.21
CA GLN B 154 8.19 -5.08 -7.55
CA GLN B 154 8.19 -5.09 -7.57
C GLN B 154 9.54 -5.03 -8.29
C GLN B 154 9.51 -5.11 -8.33
N ASN B 155 9.55 -4.47 -9.51
CA ASN B 155 10.71 -4.54 -10.38
C ASN B 155 11.32 -3.13 -10.61
N ILE B 156 11.06 -2.21 -9.67
CA ILE B 156 11.63 -0.87 -9.76
C ILE B 156 13.16 -0.88 -9.67
N THR B 157 13.73 -1.63 -8.74
CA THR B 157 15.17 -1.61 -8.57
C THR B 157 15.92 -1.95 -9.87
N ASP B 158 15.56 -3.08 -10.49
CA ASP B 158 16.27 -3.54 -11.69
C ASP B 158 16.02 -2.58 -12.84
N ALA B 159 14.80 -2.02 -12.94
CA ALA B 159 14.50 -1.07 -13.98
C ALA B 159 15.34 0.20 -13.85
N VAL B 160 15.46 0.77 -12.65
CA VAL B 160 16.33 1.93 -12.42
C VAL B 160 17.76 1.64 -12.92
N LEU B 161 18.31 0.48 -12.53
CA LEU B 161 19.67 0.13 -12.87
C LEU B 161 19.87 0.11 -14.39
N GLU B 162 18.83 -0.21 -15.17
CA GLU B 162 18.88 -0.24 -16.63
C GLU B 162 18.42 1.07 -17.26
N GLY B 163 17.93 2.01 -16.45
CA GLY B 163 17.26 3.18 -16.95
C GLY B 163 16.05 2.85 -17.82
N ALA B 164 15.22 1.88 -17.38
CA ALA B 164 14.06 1.44 -18.15
C ALA B 164 12.78 1.65 -17.31
N ALA B 165 11.63 1.68 -17.97
CA ALA B 165 10.36 1.62 -17.25
C ALA B 165 10.24 0.29 -16.53
N PRO B 166 9.86 0.28 -15.22
CA PRO B 166 9.52 -0.98 -14.52
C PRO B 166 8.53 -1.88 -15.28
N PHE B 167 7.49 -1.30 -15.90
CA PHE B 167 6.54 -2.10 -16.68
C PHE B 167 7.26 -2.83 -17.81
N GLU B 168 8.14 -2.10 -18.51
CA GLU B 168 8.87 -2.69 -19.64
C GLU B 168 9.86 -3.77 -19.17
N LYS B 169 10.46 -3.58 -18.00
CA LYS B 169 11.33 -4.58 -17.41
C LYS B 169 10.54 -5.83 -17.03
N THR B 170 9.29 -5.66 -16.63
CA THR B 170 8.47 -6.73 -16.13
C THR B 170 7.90 -7.55 -17.31
N TYR B 171 7.46 -6.87 -18.37
CA TYR B 171 6.68 -7.53 -19.42
C TYR B 171 7.45 -7.65 -20.72
N GLY B 172 8.61 -6.99 -20.80
CA GLY B 172 9.49 -7.05 -21.96
C GLY B 172 9.11 -6.10 -23.10
N MET B 173 8.13 -5.18 -22.91
CA MET B 173 7.84 -4.18 -23.91
C MET B 173 7.06 -3.05 -23.25
N PRO B 174 6.91 -1.88 -23.91
CA PRO B 174 6.12 -0.77 -23.39
C PRO B 174 4.66 -1.13 -23.16
N MET B 175 4.06 -0.38 -22.27
N MET B 175 4.03 -0.40 -22.25
CA MET B 175 2.69 -0.60 -21.85
CA MET B 175 2.65 -0.68 -21.86
C MET B 175 1.69 -0.52 -23.00
C MET B 175 1.68 -0.54 -23.03
N PHE B 176 1.77 0.53 -23.84
CA PHE B 176 0.79 0.69 -24.93
C PHE B 176 0.85 -0.49 -25.92
N GLU B 177 2.05 -0.97 -26.19
CA GLU B 177 2.25 -2.15 -27.06
C GLU B 177 1.65 -3.39 -26.41
N TYR B 178 1.89 -3.59 -25.10
CA TYR B 178 1.41 -4.76 -24.38
C TYR B 178 -0.13 -4.78 -24.34
N LEU B 179 -0.79 -3.63 -24.24
CA LEU B 179 -2.25 -3.58 -24.16
C LEU B 179 -2.88 -4.20 -25.41
N SER B 180 -2.21 -4.03 -26.55
CA SER B 180 -2.68 -4.59 -27.82
C SER B 180 -2.79 -6.11 -27.78
N THR B 181 -2.09 -6.75 -26.83
CA THR B 181 -2.02 -8.19 -26.75
C THR B 181 -2.78 -8.79 -25.57
N ASN B 182 -3.50 -7.93 -24.82
CA ASN B 182 -4.15 -8.34 -23.60
C ASN B 182 -5.49 -7.60 -23.51
N GLY B 183 -6.52 -8.23 -24.08
CA GLY B 183 -7.82 -7.58 -24.27
C GLY B 183 -8.46 -7.17 -22.94
N PRO B 184 -8.48 -8.04 -21.91
CA PRO B 184 -9.02 -7.70 -20.57
C PRO B 184 -8.31 -6.49 -19.94
N LEU B 185 -6.99 -6.41 -20.10
CA LEU B 185 -6.24 -5.30 -19.50
C LEU B 185 -6.46 -4.02 -20.28
N ASN B 186 -6.59 -4.15 -21.61
CA ASN B 186 -6.90 -3.01 -22.44
C ASN B 186 -8.24 -2.41 -22.02
N THR B 187 -9.21 -3.28 -21.76
CA THR B 187 -10.53 -2.82 -21.30
C THR B 187 -10.41 -2.11 -19.94
N VAL B 188 -9.69 -2.71 -19.02
CA VAL B 188 -9.49 -2.08 -17.70
C VAL B 188 -8.91 -0.67 -17.88
N PHE B 189 -7.84 -0.53 -18.69
CA PHE B 189 -7.22 0.76 -18.95
C PHE B 189 -8.21 1.77 -19.50
N HIS B 190 -8.93 1.41 -20.59
CA HIS B 190 -9.82 2.34 -21.24
C HIS B 190 -11.01 2.73 -20.36
N GLU B 191 -11.54 1.79 -19.57
CA GLU B 191 -12.63 2.09 -18.66
C GLU B 191 -12.15 3.07 -17.57
N ALA B 192 -10.94 2.89 -17.08
CA ALA B 192 -10.37 3.83 -16.10
C ALA B 192 -10.24 5.24 -16.68
N MET B 193 -9.65 5.35 -17.89
CA MET B 193 -9.48 6.65 -18.51
C MET B 193 -10.83 7.32 -18.71
N ALA B 194 -11.80 6.53 -19.21
CA ALA B 194 -13.13 7.06 -19.52
C ALA B 194 -13.81 7.59 -18.26
N ASN B 195 -13.62 6.88 -17.16
CA ASN B 195 -14.22 7.22 -15.86
C ASN B 195 -13.60 8.54 -15.37
N HIS B 196 -12.27 8.62 -15.36
CA HIS B 196 -11.62 9.85 -14.90
C HIS B 196 -12.05 11.04 -15.80
N SER B 197 -12.14 10.79 -17.12
CA SER B 197 -12.51 11.81 -18.09
C SER B 197 -13.91 12.33 -17.85
N MET B 198 -14.83 11.44 -17.52
N MET B 198 -14.85 11.45 -17.52
CA MET B 198 -16.21 11.80 -17.28
CA MET B 198 -16.24 11.85 -17.29
C MET B 198 -16.30 12.73 -16.06
C MET B 198 -16.33 12.73 -16.04
N ILE B 199 -15.61 12.35 -14.99
CA ILE B 199 -15.62 13.13 -13.75
C ILE B 199 -15.01 14.50 -13.99
N ILE B 200 -13.81 14.52 -14.60
CA ILE B 200 -13.12 15.78 -14.79
C ILE B 200 -13.91 16.70 -15.74
N THR B 201 -14.50 16.13 -16.82
CA THR B 201 -15.28 16.93 -17.75
C THR B 201 -16.49 17.60 -17.09
N LYS B 202 -17.20 16.90 -16.21
CA LYS B 202 -18.29 17.51 -15.47
C LYS B 202 -17.82 18.67 -14.60
N LYS B 203 -16.66 18.49 -13.94
CA LYS B 203 -16.08 19.55 -13.10
C LYS B 203 -15.62 20.73 -13.94
N LEU B 204 -15.02 20.47 -15.09
CA LEU B 204 -14.63 21.53 -16.02
C LEU B 204 -15.82 22.42 -16.35
N LEU B 205 -16.96 21.80 -16.71
CA LEU B 205 -18.14 22.55 -17.10
C LEU B 205 -18.67 23.38 -15.93
N LYS B 206 -18.42 22.94 -14.68
CA LYS B 206 -18.78 23.71 -13.51
C LYS B 206 -17.79 24.84 -13.21
N PHE B 207 -16.47 24.62 -13.34
CA PHE B 207 -15.48 25.51 -12.73
C PHE B 207 -14.58 26.24 -13.72
N PHE B 208 -14.61 25.86 -15.01
CA PHE B 208 -13.67 26.39 -15.97
C PHE B 208 -14.40 27.22 -17.01
N ARG B 209 -13.79 28.37 -17.33
N ARG B 209 -13.90 28.39 -17.38
CA ARG B 209 -14.36 29.41 -18.18
CA ARG B 209 -14.64 29.19 -18.36
C ARG B 209 -13.91 29.27 -19.64
C ARG B 209 -13.81 29.40 -19.64
N GLY B 210 -12.78 28.57 -19.87
CA GLY B 210 -11.99 28.69 -21.09
C GLY B 210 -12.56 28.07 -22.37
N PHE B 211 -13.73 27.44 -22.31
CA PHE B 211 -14.44 26.97 -23.50
C PHE B 211 -15.30 28.09 -24.08
N GLU B 212 -15.55 29.18 -23.31
CA GLU B 212 -16.36 30.29 -23.79
C GLU B 212 -15.73 30.92 -25.04
N GLY B 213 -16.56 31.16 -26.07
CA GLY B 213 -16.11 31.88 -27.26
C GLY B 213 -15.37 31.01 -28.27
N LEU B 214 -15.20 29.70 -27.99
CA LEU B 214 -14.51 28.83 -28.92
C LEU B 214 -15.46 28.39 -30.02
N ASP B 215 -15.02 28.52 -31.28
CA ASP B 215 -15.80 28.02 -32.39
C ASP B 215 -15.48 26.55 -32.65
N VAL B 216 -14.19 26.18 -32.59
CA VAL B 216 -13.79 24.81 -32.84
C VAL B 216 -12.82 24.34 -31.76
N LEU B 217 -13.19 23.28 -31.05
CA LEU B 217 -12.28 22.66 -30.08
C LEU B 217 -11.80 21.31 -30.61
N VAL B 218 -10.47 21.13 -30.65
CA VAL B 218 -9.83 19.86 -30.97
C VAL B 218 -9.50 19.10 -29.71
N ASP B 219 -10.04 17.88 -29.59
CA ASP B 219 -9.83 17.02 -28.46
C ASP B 219 -8.88 15.88 -28.85
N VAL B 220 -7.61 15.97 -28.43
CA VAL B 220 -6.65 14.92 -28.77
C VAL B 220 -6.91 13.73 -27.88
N GLY B 221 -7.01 12.49 -28.44
CA GLY B 221 -7.33 11.36 -27.59
C GLY B 221 -8.79 11.38 -27.14
N GLY B 222 -9.67 11.94 -27.96
CA GLY B 222 -11.07 12.14 -27.60
C GLY B 222 -11.95 10.88 -27.59
N GLY B 223 -11.38 9.70 -27.97
CA GLY B 223 -12.08 8.43 -27.76
C GLY B 223 -13.24 8.29 -28.73
N ASN B 224 -14.47 8.15 -28.19
CA ASN B 224 -15.65 8.09 -29.04
C ASN B 224 -16.34 9.45 -29.17
N GLY B 225 -15.71 10.51 -28.62
CA GLY B 225 -16.22 11.86 -28.72
C GLY B 225 -17.12 12.24 -27.54
N THR B 226 -17.18 11.41 -26.48
CA THR B 226 -18.03 11.68 -25.32
C THR B 226 -17.67 13.03 -24.67
N THR B 227 -16.36 13.36 -24.54
CA THR B 227 -15.95 14.58 -23.83
C THR B 227 -16.46 15.79 -24.61
N LEU B 228 -16.29 15.76 -25.94
CA LEU B 228 -16.73 16.85 -26.77
C LEU B 228 -18.26 16.97 -26.77
N GLN B 229 -18.95 15.82 -26.73
CA GLN B 229 -20.41 15.76 -26.63
C GLN B 229 -20.89 16.50 -25.38
N MET B 230 -20.29 16.20 -24.22
CA MET B 230 -20.61 16.87 -22.96
C MET B 230 -20.34 18.38 -23.05
N ILE B 231 -19.20 18.79 -23.60
CA ILE B 231 -18.86 20.20 -23.69
C ILE B 231 -19.84 20.95 -24.58
N ARG B 232 -20.15 20.36 -25.73
CA ARG B 232 -21.16 20.91 -26.62
C ARG B 232 -22.55 21.00 -25.93
N GLY B 233 -22.85 20.08 -25.01
CA GLY B 233 -24.03 20.16 -24.16
C GLY B 233 -24.18 21.54 -23.51
N GLN B 234 -23.07 22.13 -23.08
CA GLN B 234 -23.06 23.44 -22.43
C GLN B 234 -22.84 24.57 -23.41
N TYR B 235 -22.09 24.30 -24.48
CA TYR B 235 -21.69 25.29 -25.46
C TYR B 235 -22.19 24.84 -26.84
N LYS B 236 -23.48 25.15 -27.12
CA LYS B 236 -24.23 24.57 -28.23
C LYS B 236 -23.68 24.98 -29.59
N ASN B 237 -23.03 26.14 -29.68
CA ASN B 237 -22.53 26.64 -30.95
C ASN B 237 -21.06 26.24 -31.14
N MET B 238 -20.50 25.43 -30.24
CA MET B 238 -19.10 25.03 -30.38
C MET B 238 -19.10 23.75 -31.21
N ARG B 239 -18.16 23.65 -32.13
CA ARG B 239 -17.98 22.43 -32.90
C ARG B 239 -16.73 21.73 -32.38
N GLY B 240 -16.71 20.41 -32.51
CA GLY B 240 -15.62 19.62 -31.99
C GLY B 240 -14.95 18.79 -33.07
N ILE B 241 -13.64 18.66 -32.93
CA ILE B 241 -12.89 17.65 -33.68
C ILE B 241 -12.36 16.63 -32.68
N ASN B 242 -12.83 15.37 -32.81
CA ASN B 242 -12.32 14.27 -32.02
C ASN B 242 -11.13 13.66 -32.76
N TYR B 243 -9.89 13.91 -32.26
CA TYR B 243 -8.68 13.46 -32.93
C TYR B 243 -8.02 12.33 -32.16
N ASP B 244 -8.14 11.10 -32.67
CA ASP B 244 -7.60 9.94 -31.97
C ASP B 244 -6.94 9.00 -32.99
N LEU B 245 -6.40 7.87 -32.51
CA LEU B 245 -5.76 6.86 -33.37
C LEU B 245 -6.82 6.34 -34.34
N PRO B 246 -6.44 6.06 -35.61
CA PRO B 246 -7.42 5.66 -36.64
C PRO B 246 -8.33 4.51 -36.23
N HIS B 247 -7.80 3.53 -35.48
CA HIS B 247 -8.57 2.36 -35.12
C HIS B 247 -9.59 2.68 -34.02
N VAL B 248 -9.33 3.73 -33.24
CA VAL B 248 -10.29 4.21 -32.25
C VAL B 248 -11.40 4.94 -32.98
N ILE B 249 -11.01 5.79 -33.94
CA ILE B 249 -11.94 6.61 -34.69
C ILE B 249 -12.89 5.73 -35.53
N ALA B 250 -12.37 4.60 -36.01
CA ALA B 250 -13.14 3.69 -36.86
C ALA B 250 -14.39 3.24 -36.10
N GLN B 251 -14.29 3.07 -34.78
CA GLN B 251 -15.34 2.53 -33.96
C GLN B 251 -16.25 3.61 -33.34
N ALA B 252 -16.08 4.89 -33.70
CA ALA B 252 -16.86 5.94 -33.03
C ALA B 252 -18.17 6.19 -33.79
N ALA B 253 -19.30 6.06 -33.08
CA ALA B 253 -20.60 6.38 -33.67
C ALA B 253 -20.70 7.89 -33.87
N PRO B 254 -21.51 8.39 -34.85
CA PRO B 254 -21.67 9.82 -35.08
C PRO B 254 -22.11 10.55 -33.81
N VAL B 255 -21.59 11.75 -33.64
CA VAL B 255 -21.92 12.60 -32.52
C VAL B 255 -22.22 13.96 -33.14
N GLU B 256 -23.38 14.54 -32.80
CA GLU B 256 -23.81 15.78 -33.41
C GLU B 256 -22.81 16.88 -33.09
N GLY B 257 -22.33 17.57 -34.13
CA GLY B 257 -21.45 18.73 -34.00
C GLY B 257 -19.97 18.34 -33.79
N VAL B 258 -19.68 17.05 -33.87
CA VAL B 258 -18.34 16.53 -33.69
C VAL B 258 -17.92 15.76 -34.95
N GLU B 259 -16.73 16.07 -35.45
CA GLU B 259 -16.12 15.36 -36.55
C GLU B 259 -15.01 14.45 -35.99
N HIS B 260 -15.10 13.15 -36.29
CA HIS B 260 -14.12 12.15 -35.84
C HIS B 260 -12.98 12.05 -36.84
N VAL B 261 -11.72 12.23 -36.38
CA VAL B 261 -10.60 12.28 -37.31
C VAL B 261 -9.44 11.44 -36.75
N GLY B 262 -8.88 10.54 -37.59
CA GLY B 262 -7.84 9.62 -37.19
C GLY B 262 -6.48 10.16 -37.59
N GLY B 263 -5.48 10.02 -36.72
CA GLY B 263 -4.13 10.44 -37.01
C GLY B 263 -3.27 10.39 -35.76
N SER B 264 -1.95 10.45 -36.00
CA SER B 264 -0.93 10.54 -34.97
C SER B 264 -0.70 12.01 -34.60
N MET B 265 -0.77 12.29 -33.29
CA MET B 265 -0.49 13.61 -32.77
C MET B 265 0.97 14.00 -32.95
N PHE B 266 1.82 13.03 -33.26
CA PHE B 266 3.23 13.28 -33.56
C PHE B 266 3.41 13.77 -34.99
N ASP B 267 2.43 13.48 -35.86
CA ASP B 267 2.51 13.86 -37.27
C ASP B 267 1.94 15.25 -37.40
N ASN B 268 0.72 15.45 -36.90
CA ASN B 268 0.06 16.73 -36.93
C ASN B 268 -1.20 16.66 -36.06
N ILE B 269 -1.81 17.84 -35.92
CA ILE B 269 -3.04 18.03 -35.18
C ILE B 269 -4.01 18.88 -36.01
N PRO B 270 -5.30 18.49 -36.07
CA PRO B 270 -6.31 19.29 -36.78
C PRO B 270 -6.39 20.73 -36.31
N ARG B 271 -6.76 21.62 -37.23
CA ARG B 271 -6.82 23.05 -36.96
C ARG B 271 -8.06 23.36 -36.12
N GLY B 272 -7.93 24.33 -35.22
CA GLY B 272 -9.00 24.71 -34.32
C GLY B 272 -8.67 26.01 -33.57
N ASN B 273 -9.63 26.48 -32.75
CA ASN B 273 -9.44 27.65 -31.90
C ASN B 273 -8.73 27.27 -30.59
N ALA B 274 -8.81 25.99 -30.23
CA ALA B 274 -8.13 25.46 -29.06
C ALA B 274 -7.89 23.97 -29.27
N VAL B 275 -6.85 23.47 -28.60
CA VAL B 275 -6.57 22.04 -28.51
C VAL B 275 -6.56 21.60 -27.05
N LEU B 276 -7.33 20.55 -26.77
CA LEU B 276 -7.40 19.98 -25.43
C LEU B 276 -6.47 18.76 -25.33
N LEU B 277 -5.55 18.79 -24.36
CA LEU B 277 -4.66 17.67 -24.05
C LEU B 277 -4.89 17.25 -22.59
N LYS B 278 -5.73 16.23 -22.38
N LYS B 278 -5.53 16.10 -22.41
CA LYS B 278 -5.91 15.67 -21.05
CA LYS B 278 -5.96 15.66 -21.10
C LYS B 278 -5.10 14.41 -20.82
C LYS B 278 -5.24 14.35 -20.74
N TRP B 279 -4.31 14.41 -19.74
CA TRP B 279 -3.44 13.31 -19.39
C TRP B 279 -2.72 12.73 -20.61
N ILE B 280 -2.27 13.62 -21.50
CA ILE B 280 -1.43 13.22 -22.62
C ILE B 280 0.04 13.47 -22.29
N LEU B 281 0.36 14.75 -22.03
CA LEU B 281 1.74 15.17 -21.79
C LEU B 281 2.45 14.37 -20.71
N HIS B 282 1.77 13.97 -19.63
CA HIS B 282 2.45 13.31 -18.53
C HIS B 282 2.95 11.89 -18.90
N ASP B 283 2.50 11.35 -20.02
CA ASP B 283 2.98 10.04 -20.47
C ASP B 283 4.39 10.12 -21.09
N TRP B 284 4.83 11.35 -21.44
CA TRP B 284 5.94 11.58 -22.37
C TRP B 284 7.08 12.37 -21.72
N ASP B 285 8.28 12.17 -22.21
CA ASP B 285 9.42 12.98 -21.86
C ASP B 285 9.36 14.36 -22.53
N ASP B 286 10.29 15.21 -22.12
CA ASP B 286 10.29 16.59 -22.59
C ASP B 286 10.32 16.69 -24.12
N LYS B 287 11.17 15.90 -24.78
CA LYS B 287 11.34 16.03 -26.22
C LYS B 287 10.05 15.70 -26.96
N ALA B 288 9.35 14.65 -26.48
CA ALA B 288 8.11 14.21 -27.10
C ALA B 288 7.02 15.25 -26.85
N CYS B 289 7.02 15.83 -25.62
CA CYS B 289 6.04 16.86 -25.31
C CYS B 289 6.21 18.08 -26.22
N ILE B 290 7.46 18.50 -26.44
CA ILE B 290 7.74 19.65 -27.28
C ILE B 290 7.26 19.39 -28.72
N LYS B 291 7.49 18.18 -29.24
CA LYS B 291 6.93 17.80 -30.52
C LYS B 291 5.41 17.91 -30.59
N ILE B 292 4.67 17.35 -29.60
CA ILE B 292 3.22 17.46 -29.58
C ILE B 292 2.80 18.94 -29.57
N LEU B 293 3.41 19.75 -28.69
CA LEU B 293 3.01 21.14 -28.52
C LEU B 293 3.37 21.97 -29.74
N LYS B 294 4.47 21.65 -30.44
CA LYS B 294 4.77 22.31 -31.70
C LYS B 294 3.72 21.95 -32.75
N ASN B 295 3.23 20.71 -32.79
CA ASN B 295 2.11 20.39 -33.66
C ASN B 295 0.83 21.15 -33.28
N CYS B 296 0.60 21.38 -31.96
CA CYS B 296 -0.50 22.23 -31.52
C CYS B 296 -0.33 23.67 -32.02
N TYR B 297 0.89 24.19 -31.89
CA TYR B 297 1.21 25.55 -32.26
C TYR B 297 0.88 25.80 -33.75
N THR B 298 1.28 24.84 -34.59
CA THR B 298 1.03 24.96 -36.03
C THR B 298 -0.47 24.88 -36.34
N ALA B 299 -1.22 24.08 -35.60
CA ALA B 299 -2.66 23.89 -35.79
C ALA B 299 -3.51 25.11 -35.39
N LEU B 300 -2.96 26.01 -34.58
CA LEU B 300 -3.72 27.14 -34.05
C LEU B 300 -3.41 28.41 -34.86
N HIS B 301 -4.29 29.42 -34.80
CA HIS B 301 -3.93 30.79 -35.20
C HIS B 301 -3.53 31.60 -33.98
N VAL B 302 -3.03 32.84 -34.18
CA VAL B 302 -2.71 33.69 -33.04
C VAL B 302 -3.98 33.88 -32.21
N ARG B 303 -3.79 33.86 -30.90
CA ARG B 303 -4.86 33.84 -29.90
C ARG B 303 -5.54 32.48 -29.74
N GLY B 304 -5.17 31.47 -30.54
CA GLY B 304 -5.56 30.11 -30.24
C GLY B 304 -4.85 29.65 -28.96
N LYS B 305 -5.42 28.61 -28.34
CA LYS B 305 -4.95 28.15 -27.05
C LYS B 305 -4.67 26.65 -27.05
N VAL B 306 -3.72 26.20 -26.22
CA VAL B 306 -3.69 24.80 -25.77
C VAL B 306 -4.23 24.77 -24.35
N ILE B 307 -5.11 23.81 -24.07
CA ILE B 307 -5.66 23.59 -22.75
C ILE B 307 -5.15 22.23 -22.25
N VAL B 308 -4.28 22.26 -21.22
CA VAL B 308 -3.62 21.09 -20.69
C VAL B 308 -4.29 20.73 -19.37
N LEU B 309 -4.87 19.52 -19.29
N LEU B 309 -4.74 19.47 -19.25
CA LEU B 309 -5.43 19.04 -18.04
CA LEU B 309 -5.45 19.03 -18.06
C LEU B 309 -4.47 18.00 -17.48
C LEU B 309 -4.62 17.95 -17.36
N GLU B 310 -3.83 18.38 -16.37
CA GLU B 310 -2.81 17.60 -15.70
C GLU B 310 -2.75 17.98 -14.24
N TYR B 311 -2.20 17.08 -13.41
CA TYR B 311 -1.71 17.45 -12.09
C TYR B 311 -0.50 18.38 -12.23
N VAL B 312 -0.21 19.07 -11.14
CA VAL B 312 0.91 20.00 -11.08
C VAL B 312 1.66 19.71 -9.79
N VAL B 313 2.92 19.29 -9.90
CA VAL B 313 3.65 19.02 -8.70
C VAL B 313 4.22 20.36 -8.21
N PRO B 314 4.37 20.51 -6.89
CA PRO B 314 4.98 21.71 -6.33
C PRO B 314 6.49 21.74 -6.58
N ASP B 315 7.12 22.91 -6.40
N ASP B 315 7.04 22.95 -6.45
CA ASP B 315 8.55 23.11 -6.59
CA ASP B 315 8.46 23.24 -6.59
C ASP B 315 9.42 22.46 -5.50
C ASP B 315 9.31 22.41 -5.63
N GLU B 316 8.81 22.19 -4.33
N GLU B 316 8.81 22.18 -4.39
CA GLU B 316 9.48 21.49 -3.25
CA GLU B 316 9.52 21.39 -3.40
C GLU B 316 8.56 20.34 -2.82
C GLU B 316 8.56 20.35 -2.81
N PRO B 317 9.11 19.26 -2.23
CA PRO B 317 8.26 18.14 -1.79
C PRO B 317 7.50 18.41 -0.49
N GLU B 318 6.39 19.11 -0.64
CA GLU B 318 5.55 19.48 0.49
C GLU B 318 4.84 18.23 1.04
N PRO B 319 4.78 18.09 2.38
CA PRO B 319 4.03 16.99 3.02
C PRO B 319 2.54 17.25 3.16
N THR B 320 1.87 17.59 2.06
CA THR B 320 0.44 17.80 2.00
C THR B 320 -0.24 16.59 1.34
N LEU B 321 -1.56 16.40 1.57
CA LEU B 321 -2.38 15.42 0.84
C LEU B 321 -2.30 15.63 -0.67
N ALA B 322 -2.41 16.88 -1.12
CA ALA B 322 -2.36 17.21 -2.54
C ALA B 322 -0.99 16.88 -3.14
N ALA B 323 0.09 17.31 -2.49
CA ALA B 323 1.42 17.12 -3.05
C ALA B 323 1.75 15.62 -3.10
N GLN B 324 1.43 14.93 -2.01
CA GLN B 324 1.70 13.49 -1.94
C GLN B 324 0.96 12.78 -3.08
N GLY B 325 -0.28 13.20 -3.36
CA GLY B 325 -1.01 12.61 -4.47
C GLY B 325 -0.35 12.87 -5.84
N ALA B 326 0.19 14.08 -6.03
CA ALA B 326 0.87 14.41 -7.28
C ALA B 326 2.18 13.63 -7.43
N PHE B 327 2.99 13.50 -6.35
CA PHE B 327 4.19 12.69 -6.43
C PHE B 327 3.87 11.20 -6.57
N GLU B 328 2.76 10.74 -5.99
CA GLU B 328 2.37 9.36 -6.22
C GLU B 328 2.03 9.11 -7.69
N LEU B 329 1.38 10.07 -8.33
CA LEU B 329 1.11 9.92 -9.75
C LEU B 329 2.41 9.97 -10.55
N ASP B 330 3.36 10.82 -10.13
CA ASP B 330 4.69 10.86 -10.73
C ASP B 330 5.31 9.45 -10.69
N LEU B 331 5.19 8.73 -9.56
CA LEU B 331 5.80 7.40 -9.46
C LEU B 331 5.02 6.40 -10.30
N THR B 332 3.69 6.59 -10.45
CA THR B 332 2.91 5.76 -11.35
C THR B 332 3.42 5.94 -12.79
N MET B 333 3.69 7.20 -13.18
CA MET B 333 4.23 7.47 -14.51
C MET B 333 5.62 6.81 -14.66
N LEU B 334 6.45 6.93 -13.62
CA LEU B 334 7.76 6.27 -13.66
C LEU B 334 7.62 4.77 -13.87
N VAL B 335 6.75 4.14 -13.09
CA VAL B 335 6.55 2.69 -13.18
C VAL B 335 6.03 2.31 -14.60
N THR B 336 5.05 3.08 -15.11
CA THR B 336 4.34 2.73 -16.34
C THR B 336 5.18 3.01 -17.59
N PHE B 337 5.81 4.19 -17.64
CA PHE B 337 6.43 4.72 -18.84
C PHE B 337 7.94 4.96 -18.67
N GLY B 338 8.44 5.08 -17.45
CA GLY B 338 9.82 5.44 -17.16
C GLY B 338 10.05 6.94 -17.23
N SER B 339 9.99 7.46 -18.46
CA SER B 339 10.27 8.86 -18.75
C SER B 339 9.03 9.76 -18.78
N GLY B 340 7.82 9.17 -18.83
CA GLY B 340 6.61 9.94 -18.46
C GLY B 340 6.78 10.46 -17.04
N LYS B 341 6.15 11.60 -16.70
CA LYS B 341 6.41 12.21 -15.41
C LYS B 341 5.35 13.28 -15.17
N GLU B 342 5.14 13.64 -13.91
CA GLU B 342 4.39 14.83 -13.55
C GLU B 342 5.34 16.03 -13.47
N ARG B 343 4.78 17.20 -13.77
CA ARG B 343 5.58 18.40 -13.94
C ARG B 343 5.12 19.54 -13.05
N THR B 344 6.08 20.44 -12.75
CA THR B 344 5.79 21.70 -12.09
C THR B 344 5.18 22.66 -13.08
N GLN B 345 4.61 23.75 -12.53
N GLN B 345 4.57 23.75 -12.56
CA GLN B 345 4.05 24.80 -13.36
CA GLN B 345 4.05 24.78 -13.46
C GLN B 345 5.15 25.37 -14.24
C GLN B 345 5.18 25.34 -14.29
N ARG B 346 6.33 25.57 -13.65
CA ARG B 346 7.49 26.06 -14.36
C ARG B 346 7.87 25.17 -15.55
N GLU B 347 7.93 23.86 -15.31
CA GLU B 347 8.23 22.88 -16.35
C GLU B 347 7.22 22.98 -17.50
N PHE B 348 5.93 23.07 -17.19
CA PHE B 348 4.96 23.18 -18.26
C PHE B 348 5.14 24.47 -19.04
N SER B 349 5.39 25.59 -18.34
CA SER B 349 5.64 26.85 -19.02
C SER B 349 6.85 26.79 -19.96
N GLU B 350 7.92 26.09 -19.53
N GLU B 350 7.93 26.15 -19.51
CA GLU B 350 9.16 25.96 -20.28
CA GLU B 350 9.13 25.98 -20.32
C GLU B 350 8.97 25.04 -21.51
C GLU B 350 8.77 25.20 -21.58
N LEU B 351 8.09 24.04 -21.42
CA LEU B 351 7.72 23.26 -22.62
C LEU B 351 6.97 24.15 -23.61
N ALA B 352 5.99 24.91 -23.13
CA ALA B 352 5.18 25.74 -24.01
C ALA B 352 6.04 26.79 -24.70
N MET B 353 7.01 27.37 -24.00
N MET B 353 6.97 27.41 -23.97
CA MET B 353 7.82 28.41 -24.61
CA MET B 353 7.84 28.41 -24.56
C MET B 353 8.77 27.79 -25.65
C MET B 353 8.66 27.75 -25.68
N GLU B 354 9.23 26.58 -25.37
CA GLU B 354 10.05 25.84 -26.33
C GLU B 354 9.28 25.50 -27.60
N ALA B 355 7.96 25.35 -27.51
CA ALA B 355 7.11 25.02 -28.63
C ALA B 355 6.61 26.26 -29.37
N GLY B 356 6.98 27.44 -28.87
CA GLY B 356 6.73 28.73 -29.53
C GLY B 356 5.63 29.57 -28.91
N PHE B 357 5.02 29.10 -27.78
CA PHE B 357 3.93 29.82 -27.15
C PHE B 357 4.48 31.09 -26.47
N SER B 358 3.55 32.03 -26.27
CA SER B 358 3.87 33.32 -25.65
C SER B 358 4.05 33.12 -24.14
N ARG B 359 4.58 34.17 -23.49
CA ARG B 359 4.91 34.12 -22.08
C ARG B 359 3.69 34.62 -21.31
N GLU B 360 2.66 33.78 -21.29
CA GLU B 360 1.26 34.12 -20.95
C GLU B 360 0.64 32.80 -20.54
N PHE B 361 0.26 32.68 -19.27
N PHE B 361 0.45 32.57 -19.24
CA PHE B 361 0.02 31.40 -18.60
CA PHE B 361 -0.16 31.32 -18.82
C PHE B 361 -1.22 31.52 -17.70
C PHE B 361 -1.34 31.64 -17.92
N LYS B 362 -2.26 30.69 -17.94
CA LYS B 362 -3.41 30.67 -17.06
C LYS B 362 -3.47 29.30 -16.39
N ALA B 363 -3.84 29.30 -15.10
CA ALA B 363 -4.07 28.06 -14.37
C ALA B 363 -5.37 28.16 -13.60
N THR B 364 -6.22 27.14 -13.77
CA THR B 364 -7.49 27.05 -13.06
C THR B 364 -7.58 25.69 -12.38
N TYR B 365 -7.76 25.67 -11.07
CA TYR B 365 -7.87 24.42 -10.35
C TYR B 365 -9.24 23.83 -10.68
N ILE B 366 -9.25 22.53 -11.03
CA ILE B 366 -10.50 21.87 -11.40
C ILE B 366 -10.99 21.01 -10.24
N PHE B 367 -10.37 19.82 -10.03
CA PHE B 367 -10.90 18.80 -9.14
C PHE B 367 -9.91 17.64 -9.03
N ALA B 368 -9.79 17.07 -7.83
CA ALA B 368 -8.99 15.87 -7.60
C ALA B 368 -7.57 16.04 -8.20
N ASN B 369 -6.94 17.18 -7.86
CA ASN B 369 -5.56 17.49 -8.21
C ASN B 369 -5.37 17.89 -9.66
N VAL B 370 -6.43 17.88 -10.47
CA VAL B 370 -6.30 18.26 -11.87
C VAL B 370 -6.47 19.78 -12.00
N TRP B 371 -5.49 20.40 -12.70
CA TRP B 371 -5.53 21.77 -13.15
C TRP B 371 -5.79 21.83 -14.64
N ALA B 372 -6.38 22.94 -15.05
CA ALA B 372 -6.42 23.37 -16.44
C ALA B 372 -5.42 24.48 -16.66
N LEU B 373 -4.39 24.19 -17.45
CA LEU B 373 -3.35 25.14 -17.77
C LEU B 373 -3.52 25.58 -19.22
N GLU B 374 -3.54 26.87 -19.47
CA GLU B 374 -3.76 27.37 -20.82
C GLU B 374 -2.53 28.13 -21.28
N PHE B 375 -2.11 27.80 -22.49
CA PHE B 375 -1.03 28.47 -23.19
C PHE B 375 -1.57 29.08 -24.48
N THR B 376 -1.10 30.29 -24.79
CA THR B 376 -1.70 31.09 -25.86
C THR B 376 -0.65 31.38 -26.93
N LYS B 377 -1.05 31.26 -28.21
CA LYS B 377 -0.15 31.55 -29.35
C LYS B 377 -0.05 33.06 -29.62
C1 STL C . 4.04 -14.94 12.29
C2 STL C . 3.85 -15.60 11.09
C3 STL C . 3.80 -14.87 9.91
C4 STL C . 3.93 -13.49 9.91
C5 STL C . 4.17 -12.82 11.12
C6 STL C . 4.22 -13.56 12.29
C7 STL C . 4.30 -11.36 11.23
C8 STL C . 4.17 -10.48 10.25
C9 STL C . 4.29 -9.03 10.37
C10 STL C . 3.98 -8.20 9.29
C11 STL C . 4.04 -6.82 9.41
C12 STL C . 4.48 -6.24 10.59
C13 STL C . 4.78 -7.04 11.67
C14 STL C . 4.69 -8.41 11.55
O1 STL C . 4.57 -4.87 10.71
O2 STL C . 3.49 -15.56 8.75
O3 STL C . 4.14 -15.61 13.49
PA NAD D . 1.78 -30.63 13.73
O1A NAD D . 2.13 -31.11 15.11
O2A NAD D . 2.60 -31.13 12.60
O5B NAD D . 1.79 -29.03 13.74
C5B NAD D . 1.73 -28.26 12.52
C4B NAD D . 2.33 -26.92 12.80
O4B NAD D . 2.26 -26.71 14.22
C3B NAD D . 3.81 -26.75 12.44
O3B NAD D . 3.97 -26.33 11.09
C2B NAD D . 4.29 -25.73 13.47
O2B NAD D . 4.22 -24.41 12.98
C1B NAD D . 3.37 -25.98 14.68
N9A NAD D . 4.01 -26.72 15.79
C8A NAD D . 3.71 -27.95 16.32
N7A NAD D . 4.47 -28.29 17.34
C5A NAD D . 5.34 -27.23 17.49
C6A NAD D . 6.42 -27.00 18.36
N6A NAD D . 6.83 -27.89 19.26
N1A NAD D . 7.06 -25.81 18.24
C2A NAD D . 6.66 -24.93 17.30
N3A NAD D . 5.69 -25.05 16.40
C4A NAD D . 5.07 -26.25 16.54
O3 NAD D . 0.22 -30.90 13.43
PN NAD D . -0.88 -30.51 12.31
O1N NAD D . -0.18 -30.23 11.01
O2N NAD D . -1.94 -31.56 12.28
O5D NAD D . -1.51 -29.14 12.89
C5D NAD D . -2.93 -28.84 12.83
C4D NAD D . -3.61 -29.33 14.08
O4D NAD D . -3.98 -28.23 14.94
C3D NAD D . -4.96 -30.06 13.89
O3D NAD D . -4.83 -31.36 13.31
C2D NAD D . -5.42 -30.06 15.36
O2D NAD D . -4.65 -30.87 16.24
C1D NAD D . -5.15 -28.59 15.68
N1N NAD D . -6.29 -27.71 15.31
C2N NAD D . -6.26 -27.03 14.10
C3N NAD D . -7.33 -26.22 13.73
C7N NAD D . -7.18 -25.51 12.42
O7N NAD D . -8.19 -25.24 11.74
N7N NAD D . -5.97 -25.22 12.00
C4N NAD D . -8.44 -26.10 14.57
C5N NAD D . -8.47 -26.80 15.76
C6N NAD D . -7.40 -27.60 16.13
C1 EDO E . 23.11 -2.58 -6.08
O1 EDO E . 23.54 -1.35 -5.48
C2 EDO E . 21.97 -2.40 -7.01
O2 EDO E . 20.71 -2.91 -6.53
C1 EDO F . 1.93 -32.95 30.10
O1 EDO F . 1.09 -32.84 31.26
C2 EDO F . 3.39 -32.60 30.31
O2 EDO F . 4.28 -33.02 29.25
C1 EDO G . 29.96 10.33 -5.27
O1 EDO G . 29.02 10.03 -4.21
C2 EDO G . 29.97 11.70 -5.88
O2 EDO G . 29.34 11.78 -7.17
C1 EDO H . 0.12 -13.66 36.67
O1 EDO H . -0.70 -14.37 35.77
C2 EDO H . 1.55 -13.62 36.32
O2 EDO H . 2.39 -12.93 37.20
C ACT I . 12.98 -5.06 0.86
O ACT I . 14.05 -4.37 0.75
OXT ACT I . 12.74 -6.10 0.19
CH3 ACT I . 11.95 -4.59 1.87
C ACT J . 3.36 9.32 5.49
O ACT J . 4.34 9.41 6.31
OXT ACT J . 2.69 10.32 5.08
CH3 ACT J . 2.96 7.93 4.98
C1 GOL K . 19.19 -34.15 26.97
O1 GOL K . 19.61 -34.27 25.61
C2 GOL K . 20.17 -33.40 27.87
O2 GOL K . 21.52 -33.69 27.50
C3 GOL K . 19.93 -31.91 27.89
O3 GOL K . 20.76 -31.23 28.83
CL CL L . 21.65 8.35 -19.42
CL CL M . 9.69 -32.77 12.10
C1 STL N . -2.48 7.71 -17.67
C2 STL N . -1.87 6.51 -17.97
C3 STL N . -1.74 5.54 -17.00
C4 STL N . -2.20 5.75 -15.69
C5 STL N . -2.81 7.00 -15.39
C6 STL N . -2.93 7.97 -16.37
C7 STL N . -3.30 7.32 -14.06
C8 STL N . -3.20 6.61 -12.97
C9 STL N . -3.66 6.97 -11.63
C10 STL N . -4.38 8.14 -11.38
C11 STL N . -4.77 8.45 -10.09
C12 STL N . -4.40 7.66 -9.04
C13 STL N . -3.59 6.56 -9.25
C14 STL N . -3.25 6.21 -10.53
O1 STL N . -4.78 8.02 -7.74
O2 STL N . -1.18 4.33 -17.34
O3 STL N . -2.62 8.70 -18.62
PA NAD O . 1.93 6.63 -32.74
O1A NAD O . 1.15 7.46 -33.63
O2A NAD O . 1.51 5.24 -32.37
O5B NAD O . 2.05 7.39 -31.33
C5B NAD O . 2.59 6.74 -30.19
C4B NAD O . 1.58 6.82 -29.06
O4B NAD O . 1.03 8.17 -29.00
C3B NAD O . 0.36 5.89 -29.22
O3B NAD O . 0.53 4.58 -28.67
C2B NAD O . -0.72 6.64 -28.41
O2B NAD O . -0.64 6.25 -27.06
C1B NAD O . -0.36 8.12 -28.66
N9A NAD O . -1.11 8.81 -29.69
C8A NAD O . -0.73 9.13 -30.96
N7A NAD O . -1.57 9.88 -31.62
C5A NAD O . -2.62 10.05 -30.71
C6A NAD O . -3.83 10.74 -30.79
N6A NAD O . -4.26 11.38 -31.86
N1A NAD O . -4.63 10.75 -29.70
C2A NAD O . -4.17 10.14 -28.60
N3A NAD O . -3.07 9.42 -28.41
C4A NAD O . -2.32 9.43 -29.52
O3 NAD O . 3.47 6.54 -33.18
PN NAD O . 4.08 5.43 -34.20
O1N NAD O . 4.94 4.43 -33.49
O2N NAD O . 2.96 4.90 -35.03
O5D NAD O . 4.91 6.45 -35.06
C5D NAD O . 4.28 7.51 -35.85
C4D NAD O . 5.16 8.74 -35.85
O4D NAD O . 5.21 9.29 -34.50
C3D NAD O . 6.64 8.52 -36.23
O3D NAD O . 7.15 9.64 -36.97
C2D NAD O . 7.35 8.44 -34.87
O2D NAD O . 8.73 8.75 -34.89
C1D NAD O . 6.57 9.48 -34.08
N1N NAD O . 6.69 9.21 -32.62
C2N NAD O . 7.53 9.97 -31.84
C3N NAD O . 7.67 9.65 -30.49
C7N NAD O . 8.60 10.47 -29.68
O7N NAD O . 9.04 11.54 -30.15
N7N NAD O . 9.00 9.97 -28.51
C4N NAD O . 7.01 8.56 -29.93
C5N NAD O . 6.24 7.76 -30.74
C6N NAD O . 6.07 8.10 -32.07
C1 EDO P . -2.32 2.69 4.91
O1 EDO P . -2.07 2.74 3.49
C2 EDO P . -1.17 3.15 5.75
O2 EDO P . -1.00 2.60 7.09
C1 EDO Q . -13.02 -10.05 -20.26
O1 EDO Q . -12.56 -11.17 -19.59
C2 EDO Q . -12.61 -8.80 -19.54
O2 EDO Q . -12.93 -7.62 -20.20
C1 EDO R . -7.54 -3.40 -29.09
O1 EDO R . -6.61 -4.24 -28.40
C2 EDO R . -6.99 -2.04 -29.40
O2 EDO R . -5.68 -1.79 -28.87
C1 GOL S . -4.16 4.39 -26.17
O1 GOL S . -4.24 2.96 -26.11
C2 GOL S . -5.06 5.00 -27.24
O2 GOL S . -6.44 4.87 -26.89
C3 GOL S . -4.72 6.45 -27.54
O3 GOL S . -5.87 7.30 -27.51
C1 EDO T . -16.83 -4.22 -8.85
O1 EDO T . -16.65 -5.36 -8.01
C2 EDO T . -15.57 -3.84 -9.56
O2 EDO T . -15.77 -3.24 -10.86
C ACT U . -11.17 -3.15 -7.07
O ACT U . -10.57 -3.93 -7.87
OXT ACT U . -12.30 -3.41 -6.60
CH3 ACT U . -10.52 -1.81 -6.68
C1 GOL V . -13.82 4.10 14.59
O1 GOL V . -14.10 2.86 15.23
C2 GOL V . -14.74 4.32 13.39
O2 GOL V . -16.09 4.42 13.87
C3 GOL V . -14.23 5.52 12.61
O3 GOL V . -14.79 5.69 11.32
C1 GOL W . -24.70 -18.40 13.66
O1 GOL W . -24.07 -18.19 14.92
C2 GOL W . -24.33 -17.31 12.67
O2 GOL W . -24.32 -16.04 13.34
C3 GOL W . -22.99 -17.54 12.00
O3 GOL W . -22.87 -16.85 10.75
C1 GOL X . -16.22 8.20 10.09
O1 GOL X . -14.84 8.48 10.01
C2 GOL X . -17.06 9.20 9.28
O2 GOL X . -18.41 8.76 9.23
C3 GOL X . -16.99 10.60 9.84
O3 GOL X . -17.07 11.58 8.81
C1 GOL Y . 19.43 -7.27 -14.63
O1 GOL Y . 18.08 -7.63 -14.33
C2 GOL Y . 19.87 -6.00 -13.92
O2 GOL Y . 18.97 -4.91 -14.19
C3 GOL Y . 20.02 -6.16 -12.41
O3 GOL Y . 21.34 -5.88 -11.98
C1 EDO Z . 15.23 12.13 -26.17
O1 EDO Z . 14.98 12.73 -24.92
C2 EDO Z . 14.04 11.40 -26.70
O2 EDO Z . 14.32 10.06 -27.05
C1 EDO AA . 5.87 4.72 -24.11
O1 EDO AA . 4.59 4.92 -24.68
C2 EDO AA . 6.78 5.89 -24.02
O2 EDO AA . 7.63 5.78 -22.88
C1 EDO BA . 14.84 7.00 17.28
O1 EDO BA . 14.75 6.78 18.68
C2 EDO BA . 13.67 7.73 16.75
O2 EDO BA . 13.75 9.13 16.77
C1 GOL CA . -6.80 -9.42 -13.18
O1 GOL CA . -7.94 -10.28 -13.24
C2 GOL CA . -5.55 -10.03 -13.78
O2 GOL CA . -4.55 -9.01 -14.00
C3 GOL CA . -4.97 -11.17 -12.95
O3 GOL CA . -3.54 -11.20 -12.98
C1 GOL DA . -0.89 12.00 4.70
O1 GOL DA . 0.35 11.99 5.42
C2 GOL DA . -1.33 13.40 4.30
O2 GOL DA . -2.43 13.35 3.39
C3 GOL DA . -1.65 14.28 5.50
O3 GOL DA . -1.03 15.56 5.41
CL CL EA . -18.83 -21.90 8.93
#